data_9LAE
#
_entry.id   9LAE
#
_cell.length_a   1.00
_cell.length_b   1.00
_cell.length_c   1.00
_cell.angle_alpha   90.00
_cell.angle_beta   90.00
_cell.angle_gamma   90.00
#
_symmetry.space_group_name_H-M   'P 1'
#
loop_
_entity.id
_entity.type
_entity.pdbx_description
1 polymer 'Spike protein S1'
2 polymer 'Light chain of 3E2'
3 polymer 'Heavy chain of 3E2'
4 polymer 'Light chain of 9G11'
5 polymer 'Heavy chain of 9G11'
6 non-polymer 2-acetamido-2-deoxy-beta-D-glucopyranose
#
loop_
_entity_poly.entity_id
_entity_poly.type
_entity_poly.pdbx_seq_one_letter_code
_entity_poly.pdbx_strand_id
1 'polypeptide(L)'
;RVQPTESIVRFPNITNLCPFGEVFNATRFASVYAWNRKRISNCVADYSVLYNSASFSTFKCYGVSPTKLNDLCFTNVYAD
SFVIRGDEVRQIAPGQTGKIADYNYKLPDDFTGCVIAWNSNNLDSKVGGNYNYLYRLFRKSNLKPFERDISTEIYQAGST
PCNGVEGFNCYFPLQSYGFQPTNGVGYQPYRVVVLSFELLHAPATVCGPKKSTNLVKNKCVNF
;
G
2 'polypeptide(L)'
;QIVLTQSPAIMSASLGEEITLTCSVSSSVSDMHWYQQKSGTSPKVFIYSTSNLASGVPSRFSGSGSGTFYSLTISSVEAE
DAAYYYCHQWSSWTFGGGTKLEIK
;
L
3 'polypeptide(L)'
;EVMLVESGGGVVKPGGSLKLSCAASGFSFSTYAMSWIRQTPEKSLEWVAAISSGGTNTYYPGSVKGRFTISRDKAMNTLY
LQLSSLRSEDTAMYYCVRHSGNYVDSVMDYWGQGTSVTVSS
;
H
4 'polypeptide(L)'
;DIVMTQSQKFMSTSVGDRVSVTCKASQNVGTNVAWYQQKPGQPPKALIYSASYRYSGVPDRFTGSGSGTDFTLTISNVQS
EDLAEYFCQQYNSYPWTFGGGTKLEIK
;
B
5 'polypeptide(L)'
;QVQLQQPGAELVKPGASVKMSCKASGYTFTSYSMHWVKQTPGQGLEWIGAIYPGIGDTSYNQKFKGKATLTADKSSSTAY
MQLSSLTSEDSAVYYCTRDGYPDYYALDYWGQGTSVTVSS
;
A
#
# COMPACT_ATOMS: atom_id res chain seq x y z
N THR A 15 36.63 -22.88 -24.89
CA THR A 15 35.18 -22.95 -25.02
C THR A 15 34.60 -21.55 -24.99
N ASN A 16 33.53 -21.31 -25.76
CA ASN A 16 32.94 -19.98 -25.88
C ASN A 16 31.79 -19.84 -24.90
N LEU A 17 32.12 -19.55 -23.66
CA LEU A 17 31.14 -19.42 -22.60
C LEU A 17 30.20 -18.24 -22.85
N CYS A 18 29.05 -18.27 -22.17
CA CYS A 18 28.08 -17.19 -22.30
C CYS A 18 28.60 -15.88 -21.72
N PRO A 19 27.99 -14.78 -22.09
CA PRO A 19 28.19 -13.56 -21.31
C PRO A 19 27.33 -13.59 -20.06
N PHE A 20 27.95 -13.89 -18.92
CA PHE A 20 27.34 -13.72 -17.62
C PHE A 20 28.14 -12.73 -16.79
N GLY A 21 29.03 -11.99 -17.44
CA GLY A 21 29.81 -10.97 -16.79
C GLY A 21 29.42 -9.60 -17.30
N GLU A 22 28.34 -9.55 -18.07
CA GLU A 22 27.80 -8.28 -18.54
C GLU A 22 26.29 -8.23 -18.39
N VAL A 23 25.70 -9.15 -17.64
CA VAL A 23 24.27 -9.09 -17.34
C VAL A 23 24.09 -9.29 -15.85
N PHE A 24 25.10 -9.81 -15.17
CA PHE A 24 25.05 -10.02 -13.73
C PHE A 24 25.81 -8.95 -12.96
N ASN A 25 27.11 -8.83 -13.20
CA ASN A 25 27.91 -7.80 -12.55
C ASN A 25 28.15 -6.63 -13.52
N ALA A 26 27.06 -6.01 -13.94
CA ALA A 26 27.13 -4.88 -14.85
C ALA A 26 27.55 -3.64 -14.07
N THR A 27 27.51 -2.47 -14.71
CA THR A 27 27.82 -1.22 -14.03
C THR A 27 26.58 -0.46 -13.60
N ARG A 28 25.44 -0.68 -14.26
CA ARG A 28 24.19 -0.03 -13.89
C ARG A 28 23.03 -0.78 -14.53
N PHE A 29 22.00 -1.07 -13.76
CA PHE A 29 20.90 -1.85 -14.24
C PHE A 29 19.83 -0.99 -14.69
N ALA A 30 18.67 -1.51 -15.00
CA ALA A 30 17.60 -0.75 -15.62
C ALA A 30 16.40 -0.67 -14.68
N SER A 31 15.63 0.40 -14.84
CA SER A 31 14.39 0.56 -14.07
C SER A 31 13.46 -0.62 -14.32
N VAL A 32 12.62 -0.91 -13.33
CA VAL A 32 11.78 -2.10 -13.44
C VAL A 32 10.66 -1.90 -14.44
N TYR A 33 10.23 -0.66 -14.69
CA TYR A 33 9.16 -0.46 -15.66
C TYR A 33 9.64 -0.70 -17.07
N ALA A 34 10.91 -0.46 -17.35
CA ALA A 34 11.55 -0.80 -18.62
C ALA A 34 12.71 -1.72 -18.32
N TRP A 35 12.43 -3.01 -18.17
CA TRP A 35 13.47 -3.95 -17.83
C TRP A 35 14.35 -4.23 -19.05
N ASN A 36 15.54 -4.76 -18.80
CA ASN A 36 16.50 -5.03 -19.86
C ASN A 36 16.41 -6.51 -20.24
N ARG A 37 16.11 -6.77 -21.50
CA ARG A 37 15.94 -8.13 -22.01
C ARG A 37 17.14 -8.47 -22.90
N LYS A 38 17.95 -9.42 -22.45
CA LYS A 38 19.14 -9.83 -23.19
C LYS A 38 18.95 -11.28 -23.64
N ARG A 39 19.12 -11.52 -24.93
CA ARG A 39 18.88 -12.82 -25.53
C ARG A 39 20.20 -13.56 -25.66
N ILE A 40 20.35 -14.64 -24.91
CA ILE A 40 21.56 -15.45 -24.88
C ILE A 40 21.35 -16.66 -25.76
N SER A 41 22.30 -16.89 -26.68
CA SER A 41 22.25 -18.02 -27.58
C SER A 41 23.67 -18.32 -28.05
N ASN A 42 23.85 -19.53 -28.59
CA ASN A 42 25.12 -19.97 -29.17
C ASN A 42 26.23 -19.93 -28.13
N CYS A 43 26.05 -20.74 -27.08
CA CYS A 43 26.95 -20.79 -25.94
C CYS A 43 27.35 -22.21 -25.62
N VAL A 44 28.21 -22.32 -24.62
CA VAL A 44 28.32 -23.49 -23.77
C VAL A 44 28.23 -22.93 -22.35
N ALA A 45 27.02 -22.81 -21.84
CA ALA A 45 26.78 -22.07 -20.61
C ALA A 45 27.25 -22.86 -19.40
N ASP A 46 27.47 -22.12 -18.29
CA ASP A 46 27.90 -22.71 -17.04
C ASP A 46 26.95 -22.25 -15.93
N TYR A 47 25.86 -22.98 -15.76
CA TYR A 47 24.88 -22.64 -14.75
C TYR A 47 25.33 -22.98 -13.36
N SER A 48 26.37 -23.79 -13.18
CA SER A 48 26.75 -24.19 -11.84
C SER A 48 27.66 -23.15 -11.18
N VAL A 49 28.17 -22.20 -11.95
CA VAL A 49 28.90 -21.08 -11.36
C VAL A 49 27.95 -20.19 -10.58
N LEU A 50 26.72 -20.03 -11.08
CA LEU A 50 25.75 -19.17 -10.42
C LEU A 50 25.23 -19.81 -9.14
N TYR A 51 24.80 -21.07 -9.21
CA TYR A 51 24.21 -21.76 -8.07
C TYR A 51 25.19 -21.97 -6.92
N ASN A 52 26.50 -21.83 -7.17
CA ASN A 52 27.50 -22.02 -6.14
C ASN A 52 28.37 -20.78 -6.00
N SER A 53 27.73 -19.61 -5.95
CA SER A 53 28.45 -18.34 -5.81
C SER A 53 28.30 -17.71 -4.44
N ALA A 54 27.31 -18.11 -3.66
CA ALA A 54 27.07 -17.65 -2.30
C ALA A 54 26.85 -16.14 -2.21
N SER A 55 26.73 -15.46 -3.34
CA SER A 55 26.44 -14.03 -3.37
C SER A 55 24.95 -13.74 -3.44
N PHE A 56 24.20 -14.56 -4.17
CA PHE A 56 22.77 -14.34 -4.32
C PHE A 56 22.03 -14.75 -3.06
N SER A 57 21.01 -13.98 -2.70
CA SER A 57 20.17 -14.26 -1.56
C SER A 57 18.88 -14.96 -1.94
N THR A 58 18.64 -15.16 -3.23
CA THR A 58 17.42 -15.79 -3.71
C THR A 58 17.72 -16.41 -5.06
N PHE A 59 17.75 -17.74 -5.11
CA PHE A 59 18.02 -18.48 -6.35
C PHE A 59 16.96 -19.57 -6.46
N LYS A 60 15.81 -19.22 -7.04
CA LYS A 60 14.64 -20.08 -7.04
C LYS A 60 14.37 -20.55 -8.46
N CYS A 61 14.57 -21.85 -8.71
CA CYS A 61 14.31 -22.41 -10.03
C CYS A 61 12.90 -22.98 -10.07
N TYR A 62 12.17 -22.71 -11.15
CA TYR A 62 10.72 -22.89 -11.15
C TYR A 62 10.26 -23.91 -12.19
N GLY A 63 10.91 -25.07 -12.24
CA GLY A 63 10.52 -26.09 -13.18
C GLY A 63 11.71 -26.88 -13.68
N VAL A 64 12.89 -26.41 -13.32
CA VAL A 64 14.14 -27.06 -13.68
C VAL A 64 14.87 -27.44 -12.41
N SER A 65 15.46 -28.63 -12.41
CA SER A 65 16.28 -29.03 -11.28
C SER A 65 17.59 -28.24 -11.32
N PRO A 66 17.85 -27.38 -10.33
CA PRO A 66 19.02 -26.50 -10.42
C PRO A 66 20.34 -27.25 -10.53
N THR A 67 20.43 -28.46 -10.01
CA THR A 67 21.64 -29.27 -10.18
C THR A 67 21.66 -29.98 -11.54
N LYS A 68 20.50 -30.30 -12.09
CA LYS A 68 20.41 -30.87 -13.42
C LYS A 68 20.44 -29.80 -14.51
N LEU A 69 20.64 -28.53 -14.13
CA LEU A 69 20.72 -27.47 -15.11
C LEU A 69 21.91 -27.66 -16.04
N ASN A 70 23.04 -28.09 -15.50
CA ASN A 70 24.27 -28.12 -16.27
C ASN A 70 24.28 -29.19 -17.35
N ASP A 71 23.30 -30.09 -17.40
CA ASP A 71 23.24 -31.09 -18.48
C ASP A 71 21.83 -31.11 -19.10
N LEU A 72 21.60 -30.19 -20.06
CA LEU A 72 20.33 -30.08 -20.80
C LEU A 72 20.41 -28.90 -21.77
N CYS A 73 20.27 -29.10 -23.07
CA CYS A 73 20.29 -28.03 -24.09
C CYS A 73 19.01 -27.29 -24.20
N PHE A 74 18.99 -26.06 -24.73
CA PHE A 74 17.80 -25.24 -24.75
C PHE A 74 18.12 -24.47 -25.96
N THR A 75 17.25 -23.77 -26.60
CA THR A 75 17.64 -23.09 -27.81
C THR A 75 17.71 -21.59 -27.66
N ASN A 76 17.35 -21.06 -26.50
CA ASN A 76 17.43 -19.63 -26.24
C ASN A 76 17.23 -19.39 -24.75
N VAL A 77 17.98 -18.44 -24.20
CA VAL A 77 17.77 -18.00 -22.84
C VAL A 77 17.50 -16.50 -22.88
N TYR A 78 16.68 -16.02 -21.96
CA TYR A 78 16.39 -14.59 -21.86
C TYR A 78 16.69 -14.14 -20.44
N ALA A 79 17.55 -13.15 -20.31
CA ALA A 79 17.86 -12.55 -19.02
C ALA A 79 17.13 -11.22 -18.93
N ASP A 80 16.27 -11.09 -17.92
CA ASP A 80 15.45 -9.90 -17.71
C ASP A 80 15.98 -9.20 -16.44
N SER A 81 16.85 -8.21 -16.64
CA SER A 81 17.51 -7.51 -15.56
C SER A 81 16.71 -6.27 -15.17
N PHE A 82 16.59 -6.04 -13.87
CA PHE A 82 16.00 -4.81 -13.34
C PHE A 82 16.34 -4.71 -11.86
N VAL A 83 15.78 -3.70 -11.19
CA VAL A 83 16.09 -3.40 -9.79
C VAL A 83 14.80 -3.06 -9.07
N ILE A 84 14.57 -3.68 -7.92
CA ILE A 84 13.36 -3.44 -7.13
C ILE A 84 13.75 -3.34 -5.66
N ARG A 85 12.75 -3.22 -4.79
CA ARG A 85 12.97 -3.27 -3.36
C ARG A 85 13.16 -4.71 -2.92
N GLY A 86 13.79 -4.88 -1.76
CA GLY A 86 13.96 -6.22 -1.22
C GLY A 86 12.63 -6.88 -0.91
N ASP A 87 11.69 -6.12 -0.37
CA ASP A 87 10.39 -6.67 0.00
C ASP A 87 9.51 -6.93 -1.22
N GLU A 88 9.92 -6.46 -2.40
CA GLU A 88 9.10 -6.65 -3.59
C GLU A 88 9.62 -7.77 -4.48
N VAL A 89 10.63 -8.52 -4.02
CA VAL A 89 11.17 -9.63 -4.79
C VAL A 89 10.17 -10.78 -4.75
N ARG A 90 9.30 -10.78 -3.76
CA ARG A 90 8.29 -11.83 -3.65
C ARG A 90 7.36 -11.84 -4.87
N GLN A 91 7.20 -10.71 -5.53
CA GLN A 91 6.27 -10.60 -6.65
C GLN A 91 6.89 -11.01 -7.98
N ILE A 92 8.00 -11.73 -7.96
CA ILE A 92 8.64 -12.18 -9.19
C ILE A 92 8.53 -13.70 -9.23
N ALA A 93 7.42 -14.20 -8.73
CA ALA A 93 7.07 -15.62 -8.77
C ALA A 93 5.78 -15.79 -9.57
N PRO A 94 5.57 -16.97 -10.17
CA PRO A 94 4.33 -17.20 -10.92
C PRO A 94 3.13 -17.21 -10.01
N GLY A 95 2.20 -16.27 -10.23
CA GLY A 95 0.97 -16.24 -9.47
C GLY A 95 0.83 -15.05 -8.53
N GLN A 96 1.92 -14.66 -7.88
CA GLN A 96 1.86 -13.54 -6.95
C GLN A 96 1.54 -12.25 -7.68
N THR A 97 0.90 -11.31 -6.98
CA THR A 97 0.50 -10.04 -7.53
C THR A 97 0.88 -8.92 -6.58
N GLY A 98 0.94 -7.70 -7.11
CA GLY A 98 1.25 -6.53 -6.32
C GLY A 98 1.27 -5.28 -7.17
N LYS A 99 2.26 -4.41 -6.96
CA LYS A 99 2.48 -3.28 -7.85
C LYS A 99 3.59 -3.54 -8.86
N ILE A 100 4.38 -4.58 -8.66
CA ILE A 100 5.39 -4.98 -9.62
C ILE A 100 4.87 -6.06 -10.56
N ALA A 101 4.34 -7.15 -10.00
CA ALA A 101 3.84 -8.23 -10.83
C ALA A 101 2.62 -7.82 -11.64
N ASP A 102 1.91 -6.78 -11.22
CA ASP A 102 0.70 -6.39 -11.93
C ASP A 102 1.00 -5.42 -13.07
N TYR A 103 1.78 -4.38 -12.79
CA TYR A 103 1.97 -3.30 -13.75
C TYR A 103 3.36 -3.25 -14.37
N ASN A 104 4.36 -3.84 -13.73
CA ASN A 104 5.74 -3.66 -14.19
C ASN A 104 6.32 -4.91 -14.84
N TYR A 105 6.27 -6.06 -14.17
CA TYR A 105 6.88 -7.27 -14.71
C TYR A 105 6.06 -8.48 -14.28
N LYS A 106 5.39 -9.11 -15.24
CA LYS A 106 4.52 -10.23 -14.96
C LYS A 106 5.12 -11.51 -15.53
N LEU A 107 5.20 -12.56 -14.69
CA LEU A 107 5.67 -13.89 -15.03
C LEU A 107 4.49 -14.83 -15.23
N PRO A 108 4.50 -15.68 -16.25
CA PRO A 108 3.37 -16.58 -16.48
C PRO A 108 3.41 -17.75 -15.53
N ASP A 109 2.24 -18.35 -15.32
CA ASP A 109 2.16 -19.51 -14.44
C ASP A 109 2.32 -20.82 -15.21
N ASP A 110 3.36 -20.85 -16.06
CA ASP A 110 3.93 -22.08 -16.60
C ASP A 110 5.44 -21.92 -16.72
N PHE A 111 6.01 -21.09 -15.86
CA PHE A 111 7.39 -20.67 -15.97
C PHE A 111 8.34 -21.86 -15.93
N THR A 112 9.42 -21.78 -16.71
CA THR A 112 10.51 -22.75 -16.67
C THR A 112 11.80 -21.94 -16.67
N GLY A 113 12.27 -21.58 -15.50
CA GLY A 113 13.46 -20.77 -15.39
C GLY A 113 13.95 -20.70 -13.97
N CYS A 114 14.72 -19.66 -13.68
CA CYS A 114 15.27 -19.45 -12.35
C CYS A 114 15.34 -17.96 -12.06
N VAL A 115 14.73 -17.54 -10.96
CA VAL A 115 14.75 -16.15 -10.53
C VAL A 115 15.91 -15.97 -9.56
N ILE A 116 16.77 -15.00 -9.85
CA ILE A 116 17.99 -14.75 -9.08
C ILE A 116 17.96 -13.31 -8.60
N ALA A 117 18.53 -13.07 -7.42
CA ALA A 117 18.55 -11.73 -6.86
C ALA A 117 19.62 -11.64 -5.80
N TRP A 118 20.10 -10.42 -5.56
CA TRP A 118 21.05 -10.17 -4.48
C TRP A 118 20.90 -8.71 -4.05
N ASN A 119 21.50 -8.37 -2.91
CA ASN A 119 21.43 -7.01 -2.39
C ASN A 119 22.41 -6.13 -3.11
N SER A 120 22.03 -4.87 -3.33
CA SER A 120 22.81 -3.96 -4.14
C SER A 120 22.90 -2.57 -3.51
N ASN A 121 22.88 -2.50 -2.19
CA ASN A 121 22.91 -1.19 -1.53
C ASN A 121 24.24 -0.47 -1.71
N ASN A 122 25.29 -1.18 -2.09
CA ASN A 122 26.59 -0.54 -2.24
C ASN A 122 26.73 0.18 -3.57
N LEU A 123 25.96 -0.22 -4.59
CA LEU A 123 26.10 0.34 -5.92
C LEU A 123 24.95 1.22 -6.34
N ASP A 124 23.76 1.01 -5.79
CA ASP A 124 22.55 1.70 -6.23
C ASP A 124 21.97 2.57 -5.14
N SER A 125 22.82 3.28 -4.40
CA SER A 125 22.37 4.15 -3.33
C SER A 125 23.26 5.38 -3.22
N LYS A 126 22.64 6.53 -3.03
CA LYS A 126 23.34 7.79 -2.83
C LYS A 126 22.93 8.40 -1.49
N VAL A 127 23.83 9.21 -0.92
CA VAL A 127 23.59 9.77 0.40
C VAL A 127 22.29 10.56 0.45
N GLY A 128 21.97 11.26 -0.63
CA GLY A 128 20.72 11.99 -0.70
C GLY A 128 19.59 11.16 -1.28
N GLY A 129 19.96 10.09 -1.99
CA GLY A 129 18.99 9.20 -2.58
C GLY A 129 19.13 9.07 -4.07
N ASN A 130 19.00 7.84 -4.57
CA ASN A 130 19.05 7.58 -6.01
C ASN A 130 17.64 7.77 -6.57
N TYR A 131 17.45 8.81 -7.37
CA TYR A 131 16.17 9.10 -8.00
C TYR A 131 16.13 8.65 -9.45
N ASN A 132 16.82 7.56 -9.78
CA ASN A 132 16.92 7.08 -11.15
C ASN A 132 16.22 5.75 -11.39
N TYR A 133 15.78 5.07 -10.35
CA TYR A 133 15.12 3.77 -10.49
C TYR A 133 13.62 3.97 -10.33
N LEU A 134 12.92 4.07 -11.45
CA LEU A 134 11.49 4.35 -11.47
C LEU A 134 10.69 3.05 -11.41
N TYR A 135 9.40 3.18 -11.16
CA TYR A 135 8.48 2.05 -11.27
C TYR A 135 7.10 2.59 -11.57
N ARG A 136 6.32 1.79 -12.30
CA ARG A 136 5.00 2.19 -12.77
C ARG A 136 4.00 1.97 -11.64
N LEU A 137 3.41 3.07 -11.16
CA LEU A 137 2.49 3.03 -10.04
C LEU A 137 1.03 3.00 -10.48
N PHE A 138 0.73 3.45 -11.69
CA PHE A 138 -0.64 3.55 -12.18
C PHE A 138 -0.75 2.93 -13.55
N ARG A 139 -1.77 2.12 -13.76
CA ARG A 139 -2.02 1.56 -15.09
C ARG A 139 -3.50 1.24 -15.22
N LYS A 140 -3.94 1.11 -16.47
CA LYS A 140 -5.35 0.78 -16.74
C LYS A 140 -5.67 -0.63 -16.27
N SER A 141 -4.98 -1.62 -16.82
CA SER A 141 -5.21 -3.02 -16.46
C SER A 141 -3.88 -3.71 -16.29
N ASN A 142 -3.93 -4.93 -15.73
CA ASN A 142 -2.72 -5.67 -15.42
C ASN A 142 -1.99 -6.07 -16.69
N LEU A 143 -0.69 -6.27 -16.55
CA LEU A 143 0.12 -6.74 -17.67
C LEU A 143 -0.18 -8.21 -17.95
N LYS A 144 0.22 -8.65 -19.14
CA LYS A 144 0.26 -10.05 -19.48
C LYS A 144 1.71 -10.46 -19.74
N PRO A 145 2.05 -11.75 -19.55
CA PRO A 145 3.46 -12.15 -19.43
C PRO A 145 4.45 -11.51 -20.39
N PHE A 146 5.46 -10.85 -19.84
CA PHE A 146 6.59 -10.32 -20.59
C PHE A 146 6.16 -9.22 -21.57
N GLU A 147 5.34 -8.29 -21.11
CA GLU A 147 4.87 -7.19 -21.93
C GLU A 147 5.26 -5.88 -21.24
N ARG A 148 6.49 -5.43 -21.51
CA ARG A 148 6.93 -4.17 -20.94
C ARG A 148 6.14 -3.00 -21.54
N ASP A 149 6.12 -1.89 -20.82
CA ASP A 149 5.32 -0.73 -21.22
C ASP A 149 6.11 0.54 -20.93
N ILE A 150 6.78 1.07 -21.95
CA ILE A 150 7.36 2.40 -21.83
C ILE A 150 6.39 3.40 -22.43
N SER A 151 5.47 3.89 -21.60
CA SER A 151 4.48 4.88 -22.00
C SER A 151 4.45 5.91 -20.89
N THR A 152 5.15 7.02 -21.09
CA THR A 152 5.21 8.06 -20.07
C THR A 152 4.13 9.12 -20.28
N GLU A 153 2.89 8.66 -20.41
CA GLU A 153 1.75 9.54 -20.59
C GLU A 153 0.86 9.46 -19.36
N ILE A 154 -0.02 10.45 -19.23
CA ILE A 154 -0.71 10.73 -17.98
C ILE A 154 -1.85 9.75 -17.77
N TYR A 155 -1.99 9.27 -16.54
CA TYR A 155 -3.05 8.34 -16.16
C TYR A 155 -4.21 9.11 -15.55
N GLN A 156 -5.43 8.75 -15.94
CA GLN A 156 -6.64 9.46 -15.54
C GLN A 156 -7.46 8.56 -14.62
N ALA A 157 -7.61 8.96 -13.37
CA ALA A 157 -8.35 8.19 -12.37
C ALA A 157 -9.68 8.83 -12.01
N GLY A 158 -10.16 9.81 -12.79
CA GLY A 158 -11.39 10.48 -12.49
C GLY A 158 -12.26 10.62 -13.72
N SER A 159 -13.51 11.04 -13.48
CA SER A 159 -14.47 11.15 -14.57
C SER A 159 -14.11 12.26 -15.55
N THR A 160 -13.51 13.33 -15.08
CA THR A 160 -13.17 14.44 -15.96
C THR A 160 -12.09 14.01 -16.94
N PRO A 161 -12.25 14.28 -18.24
CA PRO A 161 -11.17 14.00 -19.19
C PRO A 161 -9.91 14.74 -18.80
N CYS A 162 -8.76 14.12 -19.09
CA CYS A 162 -7.50 14.64 -18.58
C CYS A 162 -6.85 15.66 -19.50
N ASN A 163 -6.98 15.48 -20.82
CA ASN A 163 -6.47 16.42 -21.82
C ASN A 163 -4.95 16.60 -21.73
N GLY A 164 -4.26 15.72 -21.02
CA GLY A 164 -2.81 15.70 -21.04
C GLY A 164 -2.10 16.66 -20.12
N VAL A 165 -2.73 17.04 -19.00
CA VAL A 165 -2.10 17.91 -18.02
C VAL A 165 -2.27 17.27 -16.65
N GLU A 166 -1.21 17.36 -15.83
CA GLU A 166 -1.05 16.53 -14.64
C GLU A 166 -1.52 17.22 -13.37
N GLY A 167 -2.60 17.99 -13.41
CA GLY A 167 -3.06 18.71 -12.24
C GLY A 167 -3.63 17.86 -11.12
N PHE A 168 -4.82 17.28 -11.35
CA PHE A 168 -5.53 16.54 -10.32
C PHE A 168 -6.20 15.35 -10.96
N ASN A 169 -6.13 14.20 -10.29
CA ASN A 169 -6.56 12.92 -10.86
C ASN A 169 -5.97 12.72 -12.26
N CYS A 170 -4.77 13.25 -12.45
CA CYS A 170 -4.03 13.12 -13.70
C CYS A 170 -2.57 12.87 -13.36
N TYR A 171 -2.33 11.93 -12.46
CA TYR A 171 -0.99 11.73 -11.93
C TYR A 171 -0.05 11.14 -12.97
N PHE A 172 1.23 11.46 -12.81
CA PHE A 172 2.26 10.83 -13.63
C PHE A 172 2.37 9.36 -13.24
N PRO A 173 2.38 8.44 -14.20
CA PRO A 173 2.26 7.02 -13.83
C PRO A 173 3.49 6.45 -13.17
N LEU A 174 4.67 7.01 -13.42
CA LEU A 174 5.92 6.47 -12.88
C LEU A 174 6.35 7.26 -11.66
N GLN A 175 6.64 6.54 -10.57
CA GLN A 175 7.19 7.15 -9.37
C GLN A 175 8.58 6.57 -9.11
N SER A 176 9.45 7.39 -8.54
CA SER A 176 10.85 7.06 -8.37
C SER A 176 11.09 6.46 -6.99
N TYR A 177 11.83 5.37 -6.94
CA TYR A 177 12.31 4.81 -5.69
C TYR A 177 13.24 5.82 -5.02
N GLY A 178 13.09 5.98 -3.71
CA GLY A 178 14.03 6.77 -2.93
C GLY A 178 14.99 5.87 -2.20
N PHE A 179 16.19 5.72 -2.75
CA PHE A 179 17.15 4.72 -2.27
C PHE A 179 18.25 5.40 -1.47
N GLN A 180 18.00 5.59 -0.19
CA GLN A 180 19.03 6.07 0.71
C GLN A 180 19.83 4.89 1.28
N PRO A 181 21.02 5.15 1.82
CA PRO A 181 21.78 4.06 2.46
C PRO A 181 21.23 3.65 3.82
N THR A 182 20.20 4.32 4.33
CA THR A 182 19.57 3.95 5.59
C THR A 182 18.06 3.86 5.37
N ASN A 183 17.61 2.71 4.89
CA ASN A 183 16.22 2.46 4.59
C ASN A 183 15.65 1.22 5.26
N GLY A 184 16.49 0.31 5.71
CA GLY A 184 16.07 -1.00 6.09
C GLY A 184 16.65 -2.05 5.16
N VAL A 185 16.63 -3.29 5.62
CA VAL A 185 17.22 -4.37 4.82
C VAL A 185 16.15 -4.82 3.84
N GLY A 186 15.02 -4.12 3.84
CA GLY A 186 13.91 -4.52 3.00
C GLY A 186 13.47 -3.43 2.05
N TYR A 187 14.09 -2.26 2.16
CA TYR A 187 13.90 -1.20 1.18
C TYR A 187 15.18 -0.87 0.43
N GLN A 188 16.28 -1.54 0.74
CA GLN A 188 17.49 -1.34 -0.01
C GLN A 188 17.34 -1.96 -1.39
N PRO A 189 18.08 -1.48 -2.38
CA PRO A 189 17.83 -1.92 -3.76
C PRO A 189 18.39 -3.30 -4.02
N TYR A 190 17.53 -4.20 -4.47
CA TYR A 190 17.91 -5.55 -4.84
C TYR A 190 17.85 -5.68 -6.36
N ARG A 191 18.95 -6.17 -6.94
CA ARG A 191 19.07 -6.34 -8.38
C ARG A 191 18.61 -7.75 -8.75
N VAL A 192 17.57 -7.83 -9.57
CA VAL A 192 16.97 -9.11 -9.93
C VAL A 192 17.37 -9.44 -11.36
N VAL A 193 17.84 -10.66 -11.59
CA VAL A 193 18.12 -11.17 -12.93
C VAL A 193 17.32 -12.45 -13.11
N VAL A 194 16.35 -12.42 -14.02
CA VAL A 194 15.44 -13.54 -14.24
C VAL A 194 15.86 -14.24 -15.51
N LEU A 195 16.20 -15.51 -15.40
CA LEU A 195 16.52 -16.34 -16.56
C LEU A 195 15.26 -17.11 -16.96
N SER A 196 14.94 -17.08 -18.25
CA SER A 196 13.82 -17.82 -18.79
C SER A 196 14.27 -18.59 -20.02
N PHE A 197 14.01 -19.89 -20.04
CA PHE A 197 14.50 -20.76 -21.09
C PHE A 197 13.41 -21.02 -22.14
N GLU A 198 13.85 -21.29 -23.37
CA GLU A 198 12.93 -21.45 -24.49
C GLU A 198 13.20 -22.77 -25.21
N LEU A 199 12.17 -23.29 -25.89
CA LEU A 199 12.28 -24.46 -26.76
C LEU A 199 11.61 -24.15 -28.09
N LEU A 200 12.37 -23.59 -29.03
CA LEU A 200 11.92 -23.43 -30.40
C LEU A 200 12.32 -24.66 -31.19
N HIS A 201 11.46 -25.06 -32.13
CA HIS A 201 11.70 -26.29 -32.90
C HIS A 201 12.83 -26.01 -33.89
N ALA A 202 14.05 -26.04 -33.37
CA ALA A 202 15.26 -25.72 -34.10
C ALA A 202 16.44 -26.23 -33.29
N PRO A 203 17.61 -26.40 -33.93
CA PRO A 203 18.77 -26.93 -33.20
C PRO A 203 19.06 -26.15 -31.92
N ALA A 204 19.60 -26.87 -30.95
CA ALA A 204 19.86 -26.31 -29.62
C ALA A 204 21.25 -25.68 -29.58
N THR A 205 21.32 -24.46 -29.06
CA THR A 205 22.57 -23.71 -28.98
C THR A 205 23.16 -23.74 -27.57
N VAL A 206 22.41 -23.26 -26.58
CA VAL A 206 22.89 -23.12 -25.21
C VAL A 206 22.82 -24.49 -24.54
N CYS A 207 23.95 -25.19 -24.44
CA CYS A 207 23.90 -26.55 -23.89
C CYS A 207 24.72 -26.69 -22.60
N GLY A 208 26.01 -26.44 -22.63
CA GLY A 208 26.80 -26.52 -21.42
C GLY A 208 27.13 -27.93 -20.96
N GLN B 1 11.99 6.37 4.67
CA GLN B 1 12.09 5.15 5.47
C GLN B 1 10.75 4.77 6.08
N ILE B 2 10.72 3.66 6.80
CA ILE B 2 9.49 3.09 7.35
C ILE B 2 9.42 3.40 8.83
N VAL B 3 8.24 3.84 9.28
CA VAL B 3 7.94 3.96 10.70
C VAL B 3 6.71 3.10 10.98
N LEU B 4 6.77 2.31 12.05
CA LEU B 4 5.68 1.44 12.44
C LEU B 4 5.05 2.02 13.69
N THR B 5 3.75 2.33 13.62
CA THR B 5 3.06 2.94 14.75
C THR B 5 1.99 1.99 15.26
N GLN B 6 1.88 1.93 16.59
CA GLN B 6 0.87 1.11 17.26
C GLN B 6 0.04 1.98 18.18
N SER B 7 -1.28 1.88 18.06
CA SER B 7 -2.19 2.70 18.83
C SER B 7 -3.27 1.82 19.45
N PRO B 8 -3.57 1.98 20.74
CA PRO B 8 -2.90 2.93 21.63
C PRO B 8 -1.80 2.25 22.45
N ALA B 9 -1.01 3.06 23.16
CA ALA B 9 0.12 2.53 23.90
C ALA B 9 -0.30 1.72 25.12
N ILE B 10 -1.58 1.69 25.45
CA ILE B 10 -2.07 0.88 26.56
C ILE B 10 -3.55 0.57 26.33
N MET B 11 -3.94 -0.66 26.60
CA MET B 11 -5.33 -1.09 26.48
C MET B 11 -5.66 -1.93 27.70
N SER B 12 -6.95 -1.98 28.05
CA SER B 12 -7.41 -2.75 29.19
C SER B 12 -8.68 -3.50 28.82
N ALA B 13 -8.60 -4.83 28.84
CA ALA B 13 -9.73 -5.68 28.47
C ALA B 13 -10.07 -6.57 29.65
N SER B 14 -11.37 -6.72 29.93
CA SER B 14 -11.82 -7.62 30.97
C SER B 14 -11.77 -9.06 30.46
N LEU B 15 -11.61 -10.00 31.41
CA LEU B 15 -11.35 -11.39 31.06
C LEU B 15 -12.46 -11.96 30.19
N GLY B 16 -12.07 -12.88 29.31
CA GLY B 16 -13.01 -13.55 28.43
C GLY B 16 -13.50 -12.72 27.26
N GLU B 17 -13.27 -11.41 27.25
CA GLU B 17 -13.74 -10.56 26.18
C GLU B 17 -12.75 -10.58 25.00
N GLU B 18 -13.04 -9.80 23.98
CA GLU B 18 -12.24 -9.79 22.76
C GLU B 18 -11.55 -8.44 22.60
N ILE B 19 -10.26 -8.48 22.30
CA ILE B 19 -9.45 -7.29 22.10
C ILE B 19 -8.90 -7.30 20.69
N THR B 20 -8.30 -6.19 20.28
CA THR B 20 -7.77 -6.02 18.94
C THR B 20 -6.63 -5.02 18.97
N LEU B 21 -5.54 -5.36 18.29
CA LEU B 21 -4.34 -4.54 18.24
C LEU B 21 -4.07 -4.16 16.78
N THR B 22 -3.59 -2.95 16.59
CA THR B 22 -3.36 -2.42 15.24
C THR B 22 -1.91 -1.98 15.06
N CYS B 23 -1.40 -2.17 13.85
CA CYS B 23 -0.05 -1.75 13.48
C CYS B 23 -0.14 -1.09 12.11
N SER B 24 0.19 0.19 12.04
CA SER B 24 0.10 0.96 10.82
C SER B 24 1.51 1.30 10.33
N VAL B 25 1.73 1.10 9.04
CA VAL B 25 3.04 1.26 8.42
C VAL B 25 3.06 2.55 7.62
N SER B 26 4.23 3.21 7.60
CA SER B 26 4.37 4.45 6.84
C SER B 26 4.17 4.21 5.34
N SER B 27 4.62 3.07 4.84
CA SER B 27 4.44 2.73 3.44
C SER B 27 4.00 1.27 3.32
N SER B 28 4.01 0.74 2.10
CA SER B 28 3.51 -0.62 1.88
C SER B 28 4.57 -1.65 2.21
N VAL B 29 4.16 -2.69 2.94
CA VAL B 29 4.99 -3.85 3.22
C VAL B 29 4.16 -5.11 3.00
N SER B 30 4.85 -6.20 2.70
CA SER B 30 4.15 -7.43 2.33
C SER B 30 3.53 -8.12 3.55
N ASP B 31 4.35 -8.52 4.50
CA ASP B 31 3.91 -9.26 5.67
C ASP B 31 4.19 -8.44 6.93
N MET B 32 4.02 -9.07 8.09
CA MET B 32 4.29 -8.44 9.38
C MET B 32 4.27 -9.49 10.48
N HIS B 33 5.25 -9.44 11.38
CA HIS B 33 5.38 -10.42 12.44
C HIS B 33 5.04 -9.79 13.78
N TRP B 34 4.43 -10.58 14.67
CA TRP B 34 4.00 -10.13 15.98
C TRP B 34 4.72 -10.93 17.05
N TYR B 35 5.49 -10.24 17.89
CA TYR B 35 6.22 -10.84 19.00
C TYR B 35 5.59 -10.41 20.33
N GLN B 36 5.72 -11.27 21.33
CA GLN B 36 5.20 -11.03 22.67
C GLN B 36 6.34 -10.97 23.66
N GLN B 37 6.25 -10.06 24.62
CA GLN B 37 7.26 -9.94 25.66
C GLN B 37 6.60 -9.56 26.97
N LYS B 38 6.75 -10.41 27.98
CA LYS B 38 6.28 -10.10 29.31
C LYS B 38 7.41 -9.44 30.10
N SER B 39 7.05 -8.80 31.21
CA SER B 39 8.02 -8.05 31.99
C SER B 39 9.00 -9.01 32.66
N GLY B 40 10.28 -8.87 32.33
CA GLY B 40 11.29 -9.73 32.88
C GLY B 40 11.57 -10.98 32.08
N THR B 41 11.45 -10.91 30.75
CA THR B 41 11.61 -12.07 29.90
C THR B 41 11.93 -11.59 28.49
N SER B 42 12.83 -12.30 27.81
CA SER B 42 13.14 -11.96 26.44
C SER B 42 11.96 -12.31 25.54
N PRO B 43 11.70 -11.50 24.50
CA PRO B 43 10.45 -11.65 23.75
C PRO B 43 10.32 -13.01 23.11
N LYS B 44 9.09 -13.31 22.70
CA LYS B 44 8.76 -14.57 22.05
C LYS B 44 7.94 -14.27 20.80
N VAL B 45 8.17 -15.04 19.76
CA VAL B 45 7.39 -14.88 18.54
C VAL B 45 6.01 -15.50 18.74
N PHE B 46 4.98 -14.81 18.26
CA PHE B 46 3.63 -15.35 18.19
C PHE B 46 3.14 -15.57 16.77
N ILE B 47 3.19 -14.54 15.94
CA ILE B 47 2.62 -14.64 14.59
C ILE B 47 3.69 -14.27 13.59
N TYR B 48 3.78 -15.04 12.51
CA TYR B 48 4.66 -14.72 11.40
C TYR B 48 3.87 -14.76 10.10
N SER B 49 4.21 -13.85 9.18
CA SER B 49 3.50 -13.70 7.91
C SER B 49 2.04 -13.31 8.13
N THR B 50 1.79 -12.55 9.21
CA THR B 50 0.55 -11.85 9.52
C THR B 50 -0.60 -12.75 9.96
N SER B 51 -0.50 -14.06 9.78
CA SER B 51 -1.64 -14.89 10.13
C SER B 51 -1.31 -16.25 10.70
N ASN B 52 -0.04 -16.61 10.89
CA ASN B 52 0.32 -17.97 11.28
C ASN B 52 0.68 -17.99 12.76
N LEU B 53 -0.13 -18.69 13.55
CA LEU B 53 0.15 -18.81 14.97
C LEU B 53 1.36 -19.70 15.18
N ALA B 54 2.30 -19.24 16.00
CA ALA B 54 3.51 -20.01 16.25
C ALA B 54 3.17 -21.30 16.99
N SER B 55 4.16 -22.18 17.07
CA SER B 55 3.99 -23.48 17.73
C SER B 55 4.19 -23.28 19.23
N GLY B 56 3.08 -23.10 19.94
CA GLY B 56 3.12 -22.88 21.37
C GLY B 56 2.12 -21.86 21.86
N VAL B 57 1.82 -20.88 21.01
CA VAL B 57 0.82 -19.87 21.33
C VAL B 57 -0.54 -20.55 21.38
N PRO B 58 -1.47 -20.11 22.23
CA PRO B 58 -2.82 -20.66 22.19
C PRO B 58 -3.47 -20.43 20.83
N SER B 59 -4.45 -21.25 20.53
CA SER B 59 -5.16 -21.18 19.26
C SER B 59 -6.27 -20.13 19.26
N ARG B 60 -6.29 -19.22 20.23
CA ARG B 60 -7.34 -18.23 20.31
C ARG B 60 -6.95 -16.90 19.69
N PHE B 61 -5.66 -16.59 19.60
CA PHE B 61 -5.22 -15.40 18.90
C PHE B 61 -5.58 -15.50 17.43
N SER B 62 -5.45 -14.38 16.72
CA SER B 62 -5.59 -14.36 15.27
C SER B 62 -4.98 -13.07 14.76
N GLY B 63 -4.83 -12.99 13.44
CA GLY B 63 -4.32 -11.77 12.85
C GLY B 63 -4.38 -11.75 11.35
N SER B 64 -4.45 -10.57 10.77
CA SER B 64 -4.44 -10.43 9.31
C SER B 64 -4.28 -8.96 8.97
N GLY B 65 -4.19 -8.68 7.69
CA GLY B 65 -4.02 -7.32 7.20
C GLY B 65 -3.26 -7.32 5.90
N SER B 66 -2.97 -6.11 5.43
CA SER B 66 -2.24 -5.95 4.18
C SER B 66 -1.81 -4.50 4.04
N GLY B 67 -0.93 -4.26 3.06
CA GLY B 67 -0.50 -2.92 2.74
C GLY B 67 0.09 -2.18 3.91
N THR B 68 -0.65 -1.18 4.41
CA THR B 68 -0.19 -0.35 5.51
C THR B 68 -1.05 -0.53 6.76
N PHE B 69 -1.68 -1.69 6.93
CA PHE B 69 -2.54 -1.91 8.09
C PHE B 69 -2.55 -3.38 8.44
N TYR B 70 -2.13 -3.72 9.66
CA TYR B 70 -2.17 -5.09 10.14
C TYR B 70 -2.81 -5.11 11.52
N SER B 71 -3.39 -6.25 11.88
CA SER B 71 -4.14 -6.36 13.12
C SER B 71 -3.96 -7.74 13.73
N LEU B 72 -3.79 -7.74 15.06
CA LEU B 72 -3.73 -8.94 15.88
C LEU B 72 -4.88 -8.86 16.88
N THR B 73 -5.76 -9.86 16.84
CA THR B 73 -6.98 -9.88 17.64
C THR B 73 -6.98 -11.09 18.56
N ILE B 74 -7.15 -10.86 19.84
CA ILE B 74 -7.29 -11.91 20.84
C ILE B 74 -8.78 -12.12 21.09
N SER B 75 -9.25 -13.35 20.93
CA SER B 75 -10.68 -13.62 21.04
C SER B 75 -11.13 -13.64 22.49
N SER B 76 -10.41 -14.36 23.35
CA SER B 76 -10.77 -14.53 24.76
C SER B 76 -9.56 -14.16 25.61
N VAL B 77 -9.44 -12.88 25.95
CA VAL B 77 -8.30 -12.43 26.74
C VAL B 77 -8.38 -13.06 28.13
N GLU B 78 -7.27 -13.63 28.56
CA GLU B 78 -7.15 -14.29 29.85
C GLU B 78 -6.16 -13.52 30.72
N ALA B 79 -5.88 -14.06 31.91
CA ALA B 79 -4.91 -13.42 32.78
C ALA B 79 -3.50 -13.54 32.23
N GLU B 80 -3.23 -14.60 31.47
CA GLU B 80 -1.89 -14.84 30.97
C GLU B 80 -1.53 -13.91 29.82
N ASP B 81 -2.52 -13.41 29.09
CA ASP B 81 -2.27 -12.52 27.96
C ASP B 81 -2.08 -11.08 28.40
N ALA B 82 -1.18 -10.84 29.34
CA ALA B 82 -0.86 -9.50 29.81
C ALA B 82 0.63 -9.25 29.53
N ALA B 83 0.91 -8.60 28.41
CA ALA B 83 2.29 -8.38 28.00
C ALA B 83 2.36 -7.32 26.91
N TYR B 84 3.58 -7.04 26.44
CA TYR B 84 3.80 -6.14 25.31
C TYR B 84 3.76 -6.92 24.01
N TYR B 85 3.16 -6.32 22.99
CA TYR B 85 2.99 -6.97 21.70
C TYR B 85 3.58 -6.06 20.63
N TYR B 86 4.75 -6.43 20.11
CA TYR B 86 5.45 -5.61 19.14
C TYR B 86 5.24 -6.15 17.73
N CYS B 87 4.99 -5.25 16.79
CA CYS B 87 4.91 -5.60 15.38
C CYS B 87 6.19 -5.17 14.70
N HIS B 88 6.79 -6.08 13.94
CA HIS B 88 7.99 -5.75 13.18
C HIS B 88 8.00 -6.52 11.88
N GLN B 89 8.60 -5.93 10.86
CA GLN B 89 8.75 -6.58 9.57
C GLN B 89 10.18 -6.38 9.11
N TRP B 90 10.50 -6.95 7.96
CA TRP B 90 11.86 -6.96 7.44
C TRP B 90 12.39 -5.56 7.16
N SER B 91 11.51 -4.61 6.87
CA SER B 91 11.87 -3.36 6.21
C SER B 91 11.88 -2.15 7.13
N SER B 92 12.21 -2.29 8.41
CA SER B 92 11.99 -1.18 9.33
C SER B 92 13.25 -0.67 10.01
N TRP B 93 14.12 -1.55 10.49
CA TRP B 93 15.24 -1.32 11.40
C TRP B 93 14.78 -1.05 12.82
N THR B 94 13.49 -0.86 13.07
CA THR B 94 12.99 -0.57 14.40
C THR B 94 11.65 -1.24 14.58
N PHE B 95 11.47 -1.90 15.73
CA PHE B 95 10.19 -2.53 16.02
C PHE B 95 9.12 -1.46 16.20
N GLY B 96 7.86 -1.92 16.22
CA GLY B 96 6.76 -1.01 16.41
C GLY B 96 6.75 -0.39 17.79
N GLY B 97 5.63 0.24 18.12
CA GLY B 97 5.50 0.85 19.43
C GLY B 97 5.38 -0.17 20.53
N GLY B 98 4.35 -1.01 20.46
CA GLY B 98 4.09 -1.98 21.51
C GLY B 98 2.97 -1.57 22.42
N THR B 99 1.82 -2.22 22.30
CA THR B 99 0.63 -1.89 23.07
C THR B 99 0.63 -2.73 24.34
N LYS B 100 1.07 -2.14 25.44
CA LYS B 100 1.07 -2.85 26.71
C LYS B 100 -0.35 -3.20 27.13
N LEU B 101 -0.73 -4.46 27.01
CA LEU B 101 -2.05 -4.90 27.39
C LEU B 101 -2.04 -5.35 28.84
N GLU B 102 -3.04 -4.92 29.60
CA GLU B 102 -3.23 -5.41 30.96
C GLU B 102 -4.71 -5.71 31.16
N ILE B 103 -4.99 -6.88 31.74
CA ILE B 103 -6.37 -7.30 31.94
C ILE B 103 -7.10 -6.31 32.85
N LYS B 104 -8.37 -6.08 32.53
CA LYS B 104 -9.18 -5.13 33.28
C LYS B 104 -9.83 -5.79 34.50
N GLU C 1 15.75 -27.95 24.27
CA GLU C 1 16.14 -27.93 22.87
C GLU C 1 17.01 -26.72 22.54
N VAL C 2 16.77 -26.13 21.37
CA VAL C 2 17.51 -24.97 20.91
C VAL C 2 17.61 -23.92 22.00
N MET C 3 18.81 -23.39 22.21
CA MET C 3 19.02 -22.42 23.26
C MET C 3 20.24 -21.57 22.96
N LEU C 4 20.13 -20.28 23.26
CA LEU C 4 21.19 -19.31 23.03
C LEU C 4 21.40 -18.51 24.30
N VAL C 5 22.65 -18.34 24.71
CA VAL C 5 23.00 -17.55 25.89
C VAL C 5 24.13 -16.60 25.52
N GLU C 6 24.04 -15.37 26.01
CA GLU C 6 25.04 -14.35 25.71
C GLU C 6 25.88 -14.06 26.93
N SER C 7 27.01 -13.40 26.69
CA SER C 7 27.94 -13.08 27.77
C SER C 7 28.92 -12.04 27.29
N GLY C 8 29.25 -11.10 28.17
CA GLY C 8 30.21 -10.06 27.82
C GLY C 8 29.71 -8.67 28.10
N GLY C 9 28.44 -8.54 28.47
CA GLY C 9 27.87 -7.24 28.79
C GLY C 9 28.15 -6.85 30.23
N GLY C 10 28.59 -5.61 30.41
CA GLY C 10 28.95 -5.12 31.72
C GLY C 10 28.98 -3.61 31.78
N VAL C 11 30.00 -3.06 32.44
CA VAL C 11 30.17 -1.61 32.53
C VAL C 11 31.44 -1.24 31.76
N VAL C 12 31.31 -0.24 30.88
CA VAL C 12 32.41 0.24 30.06
C VAL C 12 32.42 1.76 30.12
N LYS C 13 33.41 2.34 29.46
CA LYS C 13 33.56 3.79 29.41
C LYS C 13 33.10 4.34 28.07
N PRO C 14 32.72 5.61 28.01
CA PRO C 14 32.33 6.20 26.73
C PRO C 14 33.50 6.19 25.75
N GLY C 15 33.20 5.83 24.50
CA GLY C 15 34.25 5.69 23.51
C GLY C 15 35.09 4.44 23.67
N GLY C 16 34.68 3.51 24.52
CA GLY C 16 35.41 2.28 24.73
C GLY C 16 34.93 1.15 23.84
N SER C 17 35.38 -0.05 24.15
CA SER C 17 35.08 -1.24 23.37
C SER C 17 34.43 -2.29 24.26
N LEU C 18 34.02 -3.38 23.63
CA LEU C 18 33.37 -4.51 24.28
C LEU C 18 33.10 -5.57 23.22
N LYS C 19 32.91 -6.81 23.65
CA LYS C 19 32.65 -7.91 22.73
C LYS C 19 31.61 -8.83 23.36
N LEU C 20 30.40 -8.80 22.82
CA LEU C 20 29.31 -9.63 23.31
C LEU C 20 29.29 -10.94 22.54
N SER C 21 29.44 -12.05 23.24
CA SER C 21 29.45 -13.37 22.63
C SER C 21 28.11 -14.07 22.86
N CYS C 22 27.73 -14.92 21.90
CA CYS C 22 26.48 -15.66 21.93
C CYS C 22 26.78 -17.11 21.59
N ALA C 23 26.63 -17.99 22.56
CA ALA C 23 26.96 -19.40 22.37
C ALA C 23 25.67 -20.17 22.12
N ALA C 24 25.40 -20.49 20.86
CA ALA C 24 24.20 -21.22 20.48
C ALA C 24 24.43 -22.71 20.57
N SER C 25 23.38 -23.44 20.94
CA SER C 25 23.48 -24.90 21.00
C SER C 25 22.09 -25.49 20.85
N GLY C 26 22.01 -26.56 20.06
CA GLY C 26 20.76 -27.24 19.78
C GLY C 26 20.40 -27.34 18.32
N PHE C 27 21.18 -26.77 17.41
CA PHE C 27 20.86 -26.81 16.00
C PHE C 27 22.11 -26.55 15.20
N SER C 28 22.08 -26.97 13.93
CA SER C 28 23.18 -26.71 13.01
C SER C 28 23.30 -25.20 12.79
N PHE C 29 24.44 -24.65 13.20
CA PHE C 29 24.56 -23.20 13.35
C PHE C 29 24.67 -22.49 12.02
N SER C 30 25.19 -23.17 10.99
CA SER C 30 25.53 -22.52 9.74
C SER C 30 24.45 -22.66 8.67
N THR C 31 23.18 -22.72 9.08
CA THR C 31 22.08 -22.67 8.12
C THR C 31 20.95 -21.75 8.58
N TYR C 32 21.23 -20.83 9.49
CA TYR C 32 20.25 -19.87 9.96
C TYR C 32 20.90 -18.49 10.01
N ALA C 33 20.22 -17.49 9.49
CA ALA C 33 20.68 -16.11 9.61
C ALA C 33 20.40 -15.61 11.01
N MET C 34 21.29 -14.79 11.54
CA MET C 34 21.19 -14.37 12.93
C MET C 34 21.35 -12.86 13.03
N SER C 35 21.04 -12.34 14.20
CA SER C 35 21.02 -10.90 14.39
C SER C 35 21.19 -10.58 15.87
N TRP C 36 21.50 -9.31 16.13
CA TRP C 36 21.47 -8.78 17.48
C TRP C 36 20.39 -7.71 17.54
N ILE C 37 19.74 -7.61 18.69
CA ILE C 37 18.67 -6.63 18.87
C ILE C 37 18.81 -6.00 20.24
N ARG C 38 18.87 -4.68 20.28
CA ARG C 38 19.00 -3.97 21.54
C ARG C 38 17.66 -3.38 21.97
N GLN C 39 17.42 -3.40 23.27
CA GLN C 39 16.21 -2.89 23.88
C GLN C 39 16.63 -1.89 24.94
N THR C 40 16.31 -0.61 24.72
CA THR C 40 16.67 0.46 25.61
C THR C 40 15.79 0.43 26.87
N PRO C 41 16.20 1.12 27.93
CA PRO C 41 15.36 1.16 29.14
C PRO C 41 13.96 1.70 28.91
N GLU C 42 13.71 2.37 27.79
CA GLU C 42 12.38 2.81 27.40
C GLU C 42 11.54 1.69 26.81
N LYS C 43 12.05 0.45 26.84
CA LYS C 43 11.34 -0.73 26.33
C LYS C 43 11.03 -0.61 24.84
N SER C 44 11.95 -0.03 24.08
CA SER C 44 11.80 0.09 22.63
C SER C 44 12.83 -0.80 21.95
N LEU C 45 12.35 -1.78 21.19
CA LEU C 45 13.23 -2.72 20.52
C LEU C 45 13.79 -2.09 19.25
N GLU C 46 15.02 -2.44 18.92
CA GLU C 46 15.72 -1.77 17.84
C GLU C 46 16.72 -2.73 17.20
N TRP C 47 16.44 -3.16 15.97
CA TRP C 47 17.40 -3.91 15.18
C TRP C 47 18.72 -3.16 15.10
N VAL C 48 19.82 -3.84 15.39
CA VAL C 48 21.12 -3.17 15.45
C VAL C 48 22.19 -3.84 14.61
N ALA C 49 22.04 -5.10 14.21
CA ALA C 49 23.01 -5.76 13.34
C ALA C 49 22.44 -7.09 12.90
N ALA C 50 22.75 -7.50 11.68
CA ALA C 50 22.22 -8.74 11.14
C ALA C 50 23.24 -9.36 10.20
N ILE C 51 23.42 -10.68 10.31
CA ILE C 51 24.34 -11.43 9.46
C ILE C 51 23.58 -12.59 8.83
N SER C 52 23.93 -12.87 7.58
CA SER C 52 23.25 -13.88 6.78
C SER C 52 23.71 -15.27 7.19
N SER C 53 23.30 -16.28 6.41
CA SER C 53 23.61 -17.66 6.76
C SER C 53 25.10 -17.95 6.60
N GLY C 54 25.65 -17.66 5.42
CA GLY C 54 27.05 -17.90 5.18
C GLY C 54 27.94 -16.97 5.96
N GLY C 55 27.82 -15.68 5.70
CA GLY C 55 28.64 -14.69 6.36
C GLY C 55 29.13 -13.63 5.40
N THR C 56 28.68 -13.72 4.15
CA THR C 56 29.07 -12.75 3.14
C THR C 56 28.21 -11.49 3.16
N ASN C 57 27.25 -11.39 4.08
CA ASN C 57 26.35 -10.25 4.15
C ASN C 57 26.17 -9.82 5.59
N THR C 58 26.40 -8.54 5.86
CA THR C 58 26.07 -7.94 7.14
C THR C 58 25.39 -6.61 6.88
N TYR C 59 24.30 -6.35 7.61
CA TYR C 59 23.50 -5.16 7.44
C TYR C 59 23.38 -4.43 8.76
N TYR C 60 23.91 -3.21 8.82
CA TYR C 60 23.84 -2.36 9.99
C TYR C 60 22.95 -1.15 9.73
N PRO C 61 22.28 -0.63 10.74
CA PRO C 61 21.43 0.54 10.54
C PRO C 61 22.27 1.81 10.42
N GLY C 62 21.58 2.95 10.28
CA GLY C 62 22.28 4.20 10.15
C GLY C 62 22.87 4.74 11.44
N SER C 63 22.35 4.29 12.59
CA SER C 63 22.82 4.81 13.86
C SER C 63 24.21 4.29 14.18
N VAL C 64 24.43 2.99 14.01
CA VAL C 64 25.64 2.33 14.50
C VAL C 64 26.62 1.97 13.40
N LYS C 65 26.31 2.27 12.15
CA LYS C 65 27.20 1.88 11.06
C LYS C 65 28.55 2.55 11.22
N GLY C 66 29.59 1.73 11.42
CA GLY C 66 30.93 2.22 11.65
C GLY C 66 31.42 2.04 13.07
N ARG C 67 30.57 1.55 13.96
CA ARG C 67 30.94 1.32 15.34
C ARG C 67 30.71 -0.10 15.82
N PHE C 68 29.67 -0.77 15.33
CA PHE C 68 29.39 -2.15 15.68
C PHE C 68 29.80 -3.06 14.53
N THR C 69 30.44 -4.19 14.85
CA THR C 69 30.82 -5.17 13.85
C THR C 69 30.32 -6.54 14.29
N ILE C 70 29.46 -7.15 13.49
CA ILE C 70 28.92 -8.46 13.81
C ILE C 70 29.82 -9.52 13.18
N SER C 71 29.85 -10.70 13.78
CA SER C 71 30.76 -11.75 13.34
C SER C 71 30.18 -13.09 13.70
N ARG C 72 30.64 -14.12 13.01
CA ARG C 72 30.16 -15.48 13.19
C ARG C 72 31.34 -16.43 13.23
N ASP C 73 31.24 -17.47 14.07
CA ASP C 73 32.28 -18.49 14.17
C ASP C 73 31.60 -19.84 14.15
N LYS C 74 31.62 -20.51 12.99
CA LYS C 74 30.86 -21.73 12.82
C LYS C 74 31.50 -22.90 13.58
N ALA C 75 32.83 -22.95 13.63
CA ALA C 75 33.50 -24.06 14.30
C ALA C 75 33.16 -24.07 15.78
N MET C 76 33.39 -22.96 16.47
CA MET C 76 33.08 -22.86 17.88
C MET C 76 31.60 -22.64 18.14
N ASN C 77 30.80 -22.46 17.09
CA ASN C 77 29.36 -22.23 17.20
C ASN C 77 29.05 -21.03 18.08
N THR C 78 29.55 -19.87 17.67
CA THR C 78 29.31 -18.64 18.42
C THR C 78 29.03 -17.50 17.47
N LEU C 79 28.46 -16.43 18.03
CA LEU C 79 28.13 -15.22 17.30
C LEU C 79 28.61 -14.02 18.11
N TYR C 80 29.46 -13.19 17.52
CA TYR C 80 30.07 -12.08 18.23
C TYR C 80 29.50 -10.76 17.75
N LEU C 81 29.44 -9.80 18.66
CA LEU C 81 29.15 -8.41 18.31
C LEU C 81 30.22 -7.56 19.00
N GLN C 82 31.09 -6.96 18.21
CA GLN C 82 32.16 -6.11 18.73
C GLN C 82 31.68 -4.67 18.69
N LEU C 83 31.52 -4.07 19.85
CA LEU C 83 31.14 -2.67 19.94
C LEU C 83 32.38 -1.80 19.87
N SER C 84 32.18 -0.50 19.63
CA SER C 84 33.26 0.47 19.61
C SER C 84 32.67 1.86 19.61
N SER C 85 33.42 2.81 20.15
CA SER C 85 32.99 4.21 20.25
C SER C 85 31.59 4.32 20.82
N LEU C 86 31.37 3.66 21.96
CA LEU C 86 30.05 3.58 22.57
C LEU C 86 29.66 4.96 23.11
N ARG C 87 28.62 5.55 22.53
CA ARG C 87 28.03 6.75 23.09
C ARG C 87 27.28 6.39 24.37
N SER C 88 26.62 7.39 24.97
CA SER C 88 25.80 7.13 26.14
C SER C 88 24.38 6.69 25.77
N GLU C 89 24.07 6.59 24.49
CA GLU C 89 22.75 6.15 24.06
C GLU C 89 22.65 4.64 23.89
N ASP C 90 23.73 3.90 24.15
CA ASP C 90 23.78 2.46 23.93
C ASP C 90 23.52 1.67 25.20
N THR C 91 23.20 2.31 26.31
CA THR C 91 22.77 1.60 27.52
C THR C 91 21.50 0.83 27.18
N ALA C 92 21.60 -0.51 27.14
CA ALA C 92 20.46 -1.30 26.73
C ALA C 92 20.75 -2.78 26.94
N MET C 93 19.73 -3.60 26.77
CA MET C 93 19.91 -5.04 26.75
C MET C 93 20.10 -5.52 25.31
N TYR C 94 20.91 -6.55 25.15
CA TYR C 94 21.27 -7.05 23.82
C TYR C 94 20.86 -8.51 23.72
N TYR C 95 20.02 -8.82 22.74
CA TYR C 95 19.47 -10.15 22.54
C TYR C 95 20.05 -10.76 21.28
N CYS C 96 20.50 -12.00 21.40
CA CYS C 96 20.90 -12.82 20.27
C CYS C 96 19.66 -13.44 19.67
N VAL C 97 19.43 -13.22 18.37
CA VAL C 97 18.20 -13.59 17.71
C VAL C 97 18.52 -14.51 16.55
N ARG C 98 17.78 -15.62 16.43
CA ARG C 98 17.99 -16.57 15.35
C ARG C 98 16.81 -16.53 14.40
N HIS C 99 17.03 -15.99 13.20
CA HIS C 99 15.98 -16.02 12.20
C HIS C 99 15.68 -17.46 11.80
N SER C 100 14.51 -17.66 11.18
CA SER C 100 14.12 -19.01 10.80
C SER C 100 14.73 -19.46 9.49
N GLY C 101 14.74 -18.60 8.48
CA GLY C 101 15.28 -18.94 7.18
C GLY C 101 16.80 -18.81 7.15
N ASN C 102 17.34 -18.96 5.94
CA ASN C 102 18.77 -18.78 5.75
C ASN C 102 19.13 -17.36 5.37
N TYR C 103 18.24 -16.40 5.60
CA TYR C 103 18.46 -15.01 5.30
C TYR C 103 17.79 -14.14 6.34
N VAL C 104 18.09 -12.84 6.30
CA VAL C 104 17.50 -11.87 7.22
C VAL C 104 16.06 -11.61 6.84
N ASP C 105 15.60 -12.31 5.80
CA ASP C 105 14.22 -12.17 5.33
C ASP C 105 13.21 -12.57 6.40
N SER C 106 13.41 -13.73 7.01
CA SER C 106 12.35 -14.42 7.72
C SER C 106 12.18 -13.88 9.14
N VAL C 107 11.26 -14.52 9.88
CA VAL C 107 10.87 -14.12 11.23
C VAL C 107 12.02 -14.43 12.18
N MET C 108 11.92 -13.94 13.42
CA MET C 108 12.96 -14.13 14.44
C MET C 108 12.46 -15.19 15.41
N ASP C 109 12.76 -16.45 15.11
CA ASP C 109 12.22 -17.58 15.86
C ASP C 109 12.57 -17.54 17.34
N TYR C 110 13.85 -17.64 17.66
CA TYR C 110 14.29 -17.81 19.04
C TYR C 110 15.14 -16.63 19.47
N TRP C 111 14.78 -16.05 20.62
CA TRP C 111 15.48 -14.91 21.19
C TRP C 111 16.30 -15.35 22.38
N GLY C 112 17.57 -15.01 22.38
CA GLY C 112 18.43 -15.36 23.49
C GLY C 112 18.04 -14.67 24.77
N GLN C 113 18.78 -14.97 25.83
CA GLN C 113 18.47 -14.40 27.13
C GLN C 113 18.76 -12.91 27.16
N GLY C 114 19.94 -12.51 26.71
CA GLY C 114 20.29 -11.11 26.65
C GLY C 114 21.35 -10.71 27.64
N THR C 115 22.05 -9.62 27.38
CA THR C 115 23.07 -9.11 28.29
C THR C 115 23.03 -7.59 28.28
N SER C 116 23.29 -6.99 29.45
CA SER C 116 23.12 -5.55 29.62
C SER C 116 24.43 -4.83 29.35
N VAL C 117 24.35 -3.71 28.63
CA VAL C 117 25.49 -2.86 28.37
C VAL C 117 25.17 -1.48 28.94
N THR C 118 26.05 -0.99 29.82
CA THR C 118 25.92 0.30 30.46
C THR C 118 27.17 1.11 30.17
N VAL C 119 26.99 2.28 29.57
CA VAL C 119 28.12 3.05 29.04
C VAL C 119 28.27 4.38 29.78
N SER C 120 29.03 4.38 30.87
CA SER C 120 29.27 5.58 31.66
C SER C 120 30.32 5.25 32.71
N SER C 121 30.87 6.30 33.33
CA SER C 121 31.86 6.18 34.41
C SER C 121 32.99 5.20 34.08
N ASP D 1 -16.52 29.92 -14.75
CA ASP D 1 -16.84 28.50 -14.75
C ASP D 1 -17.90 28.19 -15.80
N ILE D 2 -18.41 26.97 -15.75
CA ILE D 2 -19.48 26.52 -16.63
C ILE D 2 -20.76 26.45 -15.80
N VAL D 3 -21.89 26.60 -16.45
CA VAL D 3 -23.19 26.46 -15.79
C VAL D 3 -24.16 25.80 -16.74
N MET D 4 -24.82 24.74 -16.27
CA MET D 4 -25.88 24.08 -17.03
C MET D 4 -27.21 24.62 -16.53
N THR D 5 -27.82 25.50 -17.31
CA THR D 5 -29.07 26.16 -16.93
C THR D 5 -30.22 25.43 -17.62
N GLN D 6 -31.02 24.71 -16.84
CA GLN D 6 -32.20 24.08 -17.40
C GLN D 6 -33.21 25.15 -17.79
N SER D 7 -33.85 24.95 -18.94
CA SER D 7 -34.67 26.01 -19.54
C SER D 7 -35.86 26.36 -18.64
N GLN D 8 -36.51 25.35 -18.07
CA GLN D 8 -37.71 25.57 -17.28
C GLN D 8 -37.54 24.95 -15.90
N LYS D 9 -38.38 25.40 -14.96
CA LYS D 9 -38.31 24.97 -13.57
C LYS D 9 -39.45 24.04 -13.17
N PHE D 10 -40.64 24.23 -13.72
CA PHE D 10 -41.82 23.48 -13.30
C PHE D 10 -42.47 22.82 -14.50
N MET D 11 -42.77 21.54 -14.37
CA MET D 11 -43.56 20.80 -15.35
C MET D 11 -44.74 20.16 -14.64
N SER D 12 -45.74 19.76 -15.42
CA SER D 12 -46.92 19.13 -14.83
C SER D 12 -47.60 18.26 -15.88
N THR D 13 -47.37 16.94 -15.80
CA THR D 13 -47.98 16.00 -16.72
C THR D 13 -48.64 14.87 -15.93
N SER D 14 -49.65 14.23 -16.54
CA SER D 14 -50.37 13.14 -15.90
C SER D 14 -49.72 11.80 -16.19
N VAL D 15 -49.98 10.83 -15.31
CA VAL D 15 -49.45 9.49 -15.48
C VAL D 15 -49.92 8.93 -16.81
N GLY D 16 -48.98 8.40 -17.59
CA GLY D 16 -49.28 7.87 -18.89
C GLY D 16 -48.95 8.78 -20.05
N ASP D 17 -48.08 9.76 -19.87
CA ASP D 17 -47.70 10.67 -20.95
C ASP D 17 -46.18 10.78 -21.01
N ARG D 18 -45.67 11.57 -21.95
CA ARG D 18 -44.24 11.78 -22.10
C ARG D 18 -43.89 13.21 -21.72
N VAL D 19 -42.74 13.39 -21.07
CA VAL D 19 -42.25 14.72 -20.72
C VAL D 19 -40.74 14.74 -20.92
N SER D 20 -40.24 15.81 -21.55
CA SER D 20 -38.82 15.95 -21.79
C SER D 20 -38.32 17.23 -21.14
N VAL D 21 -37.23 17.11 -20.39
CA VAL D 21 -36.58 18.24 -19.74
C VAL D 21 -35.23 18.47 -20.40
N THR D 22 -34.95 19.71 -20.77
CA THR D 22 -33.71 20.05 -21.44
C THR D 22 -32.72 20.66 -20.45
N CYS D 23 -31.48 20.77 -20.91
CA CYS D 23 -30.39 21.26 -20.07
C CYS D 23 -29.29 21.74 -21.01
N LYS D 24 -29.01 23.04 -21.00
CA LYS D 24 -28.09 23.65 -21.94
C LYS D 24 -26.80 24.04 -21.25
N ALA D 25 -25.67 23.63 -21.82
CA ALA D 25 -24.36 23.95 -21.29
C ALA D 25 -23.80 25.18 -21.99
N SER D 26 -23.20 26.08 -21.20
CA SER D 26 -22.69 27.33 -21.76
C SER D 26 -21.54 27.07 -22.73
N GLN D 27 -20.52 26.34 -22.31
CA GLN D 27 -19.36 26.05 -23.13
C GLN D 27 -19.56 24.72 -23.85
N ASN D 28 -18.49 24.23 -24.48
CA ASN D 28 -18.51 22.95 -25.16
C ASN D 28 -18.04 21.89 -24.17
N VAL D 29 -19.00 21.27 -23.48
CA VAL D 29 -18.68 20.29 -22.44
C VAL D 29 -18.68 18.89 -23.05
N GLY D 30 -18.75 18.81 -24.37
CA GLY D 30 -18.77 17.51 -24.99
C GLY D 30 -19.97 16.70 -24.54
N THR D 31 -19.82 15.38 -24.63
CA THR D 31 -20.86 14.45 -24.20
C THR D 31 -20.66 13.98 -22.77
N ASN D 32 -19.95 14.76 -21.95
CA ASN D 32 -19.70 14.42 -20.55
C ASN D 32 -20.77 15.09 -19.70
N VAL D 33 -21.90 14.41 -19.57
CA VAL D 33 -23.04 14.92 -18.80
C VAL D 33 -23.65 13.74 -18.04
N ALA D 34 -24.26 14.05 -16.90
CA ALA D 34 -24.92 13.01 -16.11
C ALA D 34 -26.20 13.58 -15.53
N TRP D 35 -27.16 12.68 -15.31
CA TRP D 35 -28.48 13.03 -14.81
C TRP D 35 -28.73 12.35 -13.48
N TYR D 36 -29.48 13.03 -12.61
CA TYR D 36 -29.78 12.53 -11.28
C TYR D 36 -31.26 12.74 -10.98
N GLN D 37 -31.83 11.81 -10.23
CA GLN D 37 -33.19 11.91 -9.75
C GLN D 37 -33.19 11.95 -8.23
N GLN D 38 -34.11 12.72 -7.65
CA GLN D 38 -34.15 12.85 -6.20
C GLN D 38 -35.56 13.20 -5.75
N LYS D 39 -36.06 12.50 -4.74
CA LYS D 39 -37.29 12.86 -4.07
C LYS D 39 -36.98 13.39 -2.66
N PRO D 40 -37.83 14.24 -2.10
CA PRO D 40 -37.48 14.91 -0.84
C PRO D 40 -37.18 13.91 0.27
N GLY D 41 -36.04 14.13 0.94
CA GLY D 41 -35.61 13.27 2.02
C GLY D 41 -34.68 12.15 1.63
N GLN D 42 -34.17 12.15 0.40
CA GLN D 42 -33.33 11.08 -0.11
C GLN D 42 -32.20 11.68 -0.93
N PRO D 43 -31.11 10.95 -1.10
CA PRO D 43 -29.98 11.46 -1.90
C PRO D 43 -30.29 11.37 -3.38
N PRO D 44 -29.75 12.28 -4.19
CA PRO D 44 -29.95 12.19 -5.64
C PRO D 44 -29.51 10.85 -6.21
N LYS D 45 -30.46 10.09 -6.72
CA LYS D 45 -30.16 8.81 -7.34
C LYS D 45 -29.54 9.02 -8.72
N ALA D 46 -28.57 8.19 -9.06
CA ALA D 46 -27.90 8.28 -10.35
C ALA D 46 -28.74 7.59 -11.41
N LEU D 47 -28.89 8.25 -12.56
CA LEU D 47 -29.73 7.72 -13.62
C LEU D 47 -29.03 7.54 -14.96
N ILE D 48 -28.21 8.49 -15.39
CA ILE D 48 -27.66 8.47 -16.74
C ILE D 48 -26.27 9.09 -16.72
N TYR D 49 -25.33 8.48 -17.43
CA TYR D 49 -23.99 9.03 -17.59
C TYR D 49 -23.60 8.99 -19.05
N SER D 50 -22.66 9.86 -19.42
CA SER D 50 -22.26 10.03 -20.81
C SER D 50 -23.42 10.45 -21.70
N ALA D 51 -24.48 11.00 -21.10
CA ALA D 51 -25.60 11.64 -21.76
C ALA D 51 -26.50 10.68 -22.53
N SER D 52 -26.15 9.40 -22.63
CA SER D 52 -27.03 8.47 -23.31
C SER D 52 -27.14 7.08 -22.67
N TYR D 53 -26.37 6.78 -21.63
CA TYR D 53 -26.35 5.45 -21.06
C TYR D 53 -27.29 5.37 -19.87
N ARG D 54 -27.18 4.29 -19.11
CA ARG D 54 -28.10 4.01 -18.01
C ARG D 54 -27.35 3.27 -16.91
N TYR D 55 -27.39 3.80 -15.70
CA TYR D 55 -26.78 3.13 -14.57
C TYR D 55 -27.49 1.81 -14.28
N SER D 56 -26.79 0.91 -13.59
CA SER D 56 -27.33 -0.40 -13.28
C SER D 56 -28.48 -0.27 -12.29
N GLY D 57 -29.69 -0.57 -12.75
CA GLY D 57 -30.86 -0.51 -11.91
C GLY D 57 -31.91 0.52 -12.30
N VAL D 58 -32.05 0.82 -13.58
CA VAL D 58 -32.94 1.88 -14.04
C VAL D 58 -33.81 1.35 -15.17
N PRO D 59 -35.07 1.80 -15.30
CA PRO D 59 -35.89 1.36 -16.43
C PRO D 59 -35.37 1.82 -17.78
N ASP D 60 -36.11 1.51 -18.84
CA ASP D 60 -35.72 1.85 -20.20
C ASP D 60 -36.43 3.09 -20.73
N ARG D 61 -37.32 3.70 -19.95
CA ARG D 61 -38.01 4.91 -20.36
C ARG D 61 -37.23 6.18 -20.03
N PHE D 62 -36.12 6.05 -19.30
CA PHE D 62 -35.27 7.19 -18.93
C PHE D 62 -34.27 7.45 -20.06
N THR D 63 -34.77 7.94 -21.18
CA THR D 63 -33.93 8.10 -22.36
C THR D 63 -33.12 9.39 -22.26
N GLY D 64 -31.84 9.30 -22.60
CA GLY D 64 -30.96 10.45 -22.61
C GLY D 64 -30.53 10.76 -24.03
N SER D 65 -30.48 12.05 -24.37
CA SER D 65 -30.20 12.46 -25.73
C SER D 65 -29.46 13.79 -25.70
N GLY D 66 -29.01 14.22 -26.87
CA GLY D 66 -28.31 15.47 -27.00
C GLY D 66 -26.82 15.33 -26.78
N SER D 67 -26.11 16.40 -27.13
CA SER D 67 -24.66 16.43 -27.06
C SER D 67 -24.20 17.82 -27.46
N GLY D 68 -22.98 18.17 -27.07
CA GLY D 68 -22.42 19.45 -27.44
C GLY D 68 -22.81 20.56 -26.48
N THR D 69 -23.84 21.31 -26.84
CA THR D 69 -24.30 22.44 -26.06
C THR D 69 -25.64 22.19 -25.35
N ASP D 70 -26.44 21.24 -25.83
CA ASP D 70 -27.74 20.97 -25.22
C ASP D 70 -27.95 19.47 -25.08
N PHE D 71 -28.58 19.09 -23.97
CA PHE D 71 -28.87 17.71 -23.64
C PHE D 71 -30.31 17.61 -23.16
N THR D 72 -30.89 16.42 -23.26
CA THR D 72 -32.29 16.24 -22.92
C THR D 72 -32.47 14.92 -22.20
N LEU D 73 -33.29 14.94 -21.15
CA LEU D 73 -33.76 13.75 -20.48
C LEU D 73 -35.24 13.61 -20.82
N THR D 74 -35.58 12.58 -21.60
CA THR D 74 -36.95 12.35 -22.00
C THR D 74 -37.49 11.14 -21.26
N ILE D 75 -38.61 11.35 -20.57
CA ILE D 75 -39.31 10.31 -19.82
C ILE D 75 -40.57 10.01 -20.60
N SER D 76 -40.55 8.94 -21.38
CA SER D 76 -41.71 8.47 -22.11
C SER D 76 -42.56 7.61 -21.18
N ASN D 77 -43.88 7.76 -21.29
CA ASN D 77 -44.83 6.96 -20.50
C ASN D 77 -44.56 7.15 -19.01
N VAL D 78 -44.80 8.38 -18.55
CA VAL D 78 -44.60 8.72 -17.14
C VAL D 78 -45.39 7.76 -16.27
N GLN D 79 -44.80 7.36 -15.15
CA GLN D 79 -45.41 6.34 -14.31
C GLN D 79 -45.14 6.69 -12.84
N SER D 80 -45.38 5.72 -11.95
CA SER D 80 -45.52 6.01 -10.53
C SER D 80 -44.22 6.43 -9.88
N GLU D 81 -43.09 6.24 -10.55
CA GLU D 81 -41.79 6.59 -9.98
C GLU D 81 -41.16 7.80 -10.64
N ASP D 82 -41.71 8.27 -11.77
CA ASP D 82 -41.09 9.34 -12.54
C ASP D 82 -41.52 10.73 -12.07
N LEU D 83 -41.84 10.88 -10.79
CA LEU D 83 -42.34 12.15 -10.24
C LEU D 83 -41.38 12.59 -9.15
N ALA D 84 -40.40 13.42 -9.51
CA ALA D 84 -39.33 13.78 -8.60
C ALA D 84 -38.67 15.07 -9.09
N GLU D 85 -37.48 15.34 -8.58
CA GLU D 85 -36.67 16.48 -8.99
C GLU D 85 -35.43 15.98 -9.72
N TYR D 86 -35.17 16.53 -10.91
CA TYR D 86 -34.17 16.01 -11.81
C TYR D 86 -33.06 17.03 -12.03
N PHE D 87 -31.81 16.58 -11.90
CA PHE D 87 -30.64 17.44 -12.04
C PHE D 87 -29.77 16.94 -13.18
N CYS D 88 -29.03 17.88 -13.77
CA CYS D 88 -28.12 17.60 -14.87
C CYS D 88 -26.79 18.28 -14.59
N GLN D 89 -25.74 17.48 -14.36
CA GLN D 89 -24.41 18.04 -14.14
C GLN D 89 -23.51 17.75 -15.32
N GLN D 90 -22.54 18.62 -15.53
CA GLN D 90 -21.42 18.37 -16.42
C GLN D 90 -20.18 18.08 -15.60
N TYR D 91 -19.25 17.33 -16.19
CA TYR D 91 -17.97 17.11 -15.54
C TYR D 91 -16.83 17.18 -16.54
N ASN D 92 -16.97 18.00 -17.58
CA ASN D 92 -15.93 18.10 -18.58
C ASN D 92 -14.72 18.91 -18.12
N SER D 93 -14.81 19.56 -16.96
CA SER D 93 -13.69 20.33 -16.44
C SER D 93 -13.99 20.72 -15.01
N TYR D 94 -12.94 20.77 -14.21
CA TYR D 94 -13.09 21.12 -12.80
C TYR D 94 -13.30 22.63 -12.67
N PRO D 95 -14.26 23.07 -11.85
CA PRO D 95 -15.14 22.27 -11.00
C PRO D 95 -16.38 21.75 -11.72
N TRP D 96 -17.01 20.71 -11.17
CA TRP D 96 -18.27 20.21 -11.71
C TRP D 96 -19.40 21.08 -11.19
N THR D 97 -20.28 21.50 -12.08
CA THR D 97 -21.36 22.41 -11.73
C THR D 97 -22.70 21.76 -12.06
N PHE D 98 -23.49 21.49 -11.03
CA PHE D 98 -24.79 20.87 -11.23
C PHE D 98 -25.75 21.85 -11.88
N GLY D 99 -26.85 21.32 -12.38
CA GLY D 99 -27.87 22.15 -12.97
C GLY D 99 -28.87 22.63 -11.93
N GLY D 100 -29.68 23.60 -12.34
CA GLY D 100 -30.67 24.15 -11.44
C GLY D 100 -31.63 23.10 -10.93
N GLY D 101 -32.25 22.38 -11.84
CA GLY D 101 -33.18 21.34 -11.45
C GLY D 101 -34.59 21.63 -11.93
N THR D 102 -35.39 20.57 -12.04
CA THR D 102 -36.78 20.68 -12.46
C THR D 102 -37.63 19.75 -11.61
N LYS D 103 -38.93 20.00 -11.61
CA LYS D 103 -39.88 19.24 -10.80
C LYS D 103 -41.02 18.74 -11.67
N LEU D 104 -41.52 17.55 -11.36
CA LEU D 104 -42.64 16.94 -12.07
C LEU D 104 -43.76 16.64 -11.10
N GLU D 105 -44.94 17.19 -11.36
CA GLU D 105 -46.15 16.90 -10.59
C GLU D 105 -47.24 16.48 -11.56
N ILE D 106 -48.18 15.67 -11.04
CA ILE D 106 -49.28 15.17 -11.88
C ILE D 106 -50.09 16.34 -12.42
N LYS D 107 -50.46 16.24 -13.69
CA LYS D 107 -51.21 17.31 -14.36
C LYS D 107 -52.60 17.47 -13.78
N GLN E 1 -22.68 -4.80 -3.28
CA GLN E 1 -23.27 -3.97 -2.25
C GLN E 1 -22.28 -2.91 -1.78
N VAL E 2 -22.50 -1.67 -2.19
CA VAL E 2 -21.68 -0.55 -1.77
C VAL E 2 -22.56 0.42 -0.98
N GLN E 3 -22.07 0.85 0.18
CA GLN E 3 -22.83 1.77 1.00
C GLN E 3 -21.91 2.81 1.61
N LEU E 4 -22.30 4.08 1.52
CA LEU E 4 -21.61 5.19 2.15
C LEU E 4 -22.49 5.72 3.26
N GLN E 5 -22.03 5.62 4.50
CA GLN E 5 -22.84 6.03 5.63
C GLN E 5 -22.22 7.25 6.32
N GLN E 6 -23.11 8.01 6.96
CA GLN E 6 -22.84 9.30 7.57
C GLN E 6 -23.76 9.47 8.76
N PRO E 7 -23.46 10.40 9.66
CA PRO E 7 -24.40 10.71 10.74
C PRO E 7 -25.68 11.37 10.24
N GLY E 8 -26.59 11.69 11.15
CA GLY E 8 -27.87 12.28 10.77
C GLY E 8 -27.88 13.79 10.70
N ALA E 9 -27.50 14.45 11.80
CA ALA E 9 -27.54 15.90 11.86
C ALA E 9 -26.65 16.37 13.00
N GLU E 10 -26.00 17.51 12.80
CA GLU E 10 -25.06 18.07 13.76
C GLU E 10 -25.54 19.44 14.21
N LEU E 11 -25.52 19.67 15.53
CA LEU E 11 -25.87 20.96 16.11
C LEU E 11 -24.59 21.73 16.40
N VAL E 12 -24.47 22.92 15.83
CA VAL E 12 -23.26 23.73 15.94
C VAL E 12 -23.65 25.17 16.18
N LYS E 13 -22.85 25.88 17.01
CA LYS E 13 -22.98 27.30 17.25
C LYS E 13 -22.17 28.10 16.24
N PRO E 14 -22.64 29.29 15.87
CA PRO E 14 -21.93 30.08 14.84
C PRO E 14 -20.51 30.41 15.26
N GLY E 15 -19.68 30.68 14.25
CA GLY E 15 -18.28 31.01 14.44
C GLY E 15 -17.35 29.84 14.65
N ALA E 16 -17.86 28.69 15.08
CA ALA E 16 -17.03 27.54 15.37
C ALA E 16 -16.72 26.77 14.09
N SER E 17 -16.18 25.56 14.24
CA SER E 17 -15.86 24.68 13.12
C SER E 17 -16.33 23.27 13.45
N VAL E 18 -16.91 22.60 12.46
CA VAL E 18 -17.47 21.26 12.64
C VAL E 18 -16.87 20.34 11.58
N LYS E 19 -16.74 19.07 11.95
CA LYS E 19 -16.21 18.04 11.07
C LYS E 19 -17.29 17.01 10.77
N MET E 20 -17.29 16.50 9.55
CA MET E 20 -18.22 15.49 9.07
C MET E 20 -17.44 14.30 8.56
N SER E 21 -17.96 13.10 8.84
CA SER E 21 -17.32 11.85 8.51
C SER E 21 -18.20 11.04 7.58
N CYS E 22 -17.58 10.48 6.53
CA CYS E 22 -18.26 9.65 5.54
C CYS E 22 -17.47 8.37 5.36
N LYS E 23 -18.03 7.24 5.77
CA LYS E 23 -17.30 5.98 5.63
C LYS E 23 -18.05 5.04 4.70
N ALA E 24 -17.33 4.43 3.76
CA ALA E 24 -17.89 3.58 2.75
C ALA E 24 -17.46 2.13 2.96
N SER E 25 -18.27 1.22 2.44
CA SER E 25 -18.00 -0.20 2.52
C SER E 25 -18.48 -0.88 1.25
N GLY E 26 -17.72 -1.88 0.81
CA GLY E 26 -18.05 -2.64 -0.38
C GLY E 26 -17.09 -2.47 -1.54
N TYR E 27 -16.00 -1.73 -1.37
CA TYR E 27 -15.04 -1.51 -2.45
C TYR E 27 -13.69 -1.14 -1.85
N THR E 28 -12.70 -1.04 -2.72
CA THR E 28 -11.36 -0.62 -2.31
C THR E 28 -11.34 0.89 -2.12
N PHE E 29 -11.16 1.32 -0.87
CA PHE E 29 -11.37 2.72 -0.52
C PHE E 29 -10.36 3.64 -1.19
N THR E 30 -9.14 3.16 -1.39
CA THR E 30 -8.04 4.04 -1.78
C THR E 30 -8.02 4.35 -3.27
N SER E 31 -8.92 3.77 -4.07
CA SER E 31 -8.83 3.93 -5.52
C SER E 31 -9.94 4.77 -6.12
N TYR E 32 -10.98 5.11 -5.36
CA TYR E 32 -12.11 5.86 -5.88
C TYR E 32 -12.20 7.18 -5.13
N SER E 33 -12.03 8.29 -5.85
CA SER E 33 -12.01 9.60 -5.22
C SER E 33 -13.38 9.97 -4.67
N MET E 34 -13.37 10.63 -3.52
CA MET E 34 -14.57 11.00 -2.80
C MET E 34 -14.87 12.48 -3.02
N HIS E 35 -16.09 12.77 -3.48
CA HIS E 35 -16.54 14.13 -3.72
C HIS E 35 -17.51 14.56 -2.64
N TRP E 36 -17.62 15.86 -2.42
CA TRP E 36 -18.56 16.41 -1.45
C TRP E 36 -19.45 17.42 -2.15
N VAL E 37 -20.77 17.33 -1.91
CA VAL E 37 -21.70 18.28 -2.46
C VAL E 37 -22.57 18.84 -1.35
N LYS E 38 -23.14 20.02 -1.60
CA LYS E 38 -23.92 20.75 -0.61
C LYS E 38 -25.24 21.17 -1.23
N GLN E 39 -26.35 20.80 -0.59
CA GLN E 39 -27.67 21.09 -1.11
C GLN E 39 -28.44 21.95 -0.13
N THR E 40 -29.29 22.82 -0.68
CA THR E 40 -30.12 23.76 0.05
C THR E 40 -31.21 24.27 -0.89
N PRO E 41 -32.38 24.66 -0.37
CA PRO E 41 -33.42 25.20 -1.26
C PRO E 41 -33.03 26.47 -1.96
N GLY E 42 -31.91 27.10 -1.59
CA GLY E 42 -31.48 28.33 -2.23
C GLY E 42 -30.80 28.13 -3.57
N GLN E 43 -29.67 27.43 -3.58
CA GLN E 43 -28.83 27.33 -4.76
C GLN E 43 -28.74 25.90 -5.31
N GLY E 44 -29.76 25.07 -5.05
CA GLY E 44 -29.76 23.72 -5.56
C GLY E 44 -28.61 22.88 -5.03
N LEU E 45 -27.75 22.39 -5.93
CA LEU E 45 -26.57 21.64 -5.53
C LEU E 45 -25.31 22.42 -5.91
N GLU E 46 -24.27 22.24 -5.10
CA GLU E 46 -22.97 22.83 -5.35
C GLU E 46 -21.90 21.80 -5.06
N TRP E 47 -20.75 21.97 -5.71
CA TRP E 47 -19.63 21.04 -5.59
C TRP E 47 -18.63 21.62 -4.61
N ILE E 48 -18.55 21.04 -3.42
CA ILE E 48 -17.57 21.50 -2.43
C ILE E 48 -16.16 21.20 -2.93
N GLY E 49 -15.86 19.93 -3.16
CA GLY E 49 -14.56 19.55 -3.64
C GLY E 49 -14.43 18.05 -3.74
N ALA E 50 -13.21 17.59 -3.91
CA ALA E 50 -12.94 16.18 -4.04
C ALA E 50 -11.57 15.85 -3.44
N ILE E 51 -11.44 14.61 -3.00
CA ILE E 51 -10.26 14.09 -2.34
C ILE E 51 -9.92 12.73 -2.94
N TYR E 52 -8.66 12.52 -3.29
CA TYR E 52 -8.23 11.19 -3.71
C TYR E 52 -7.61 10.50 -2.51
N PRO E 53 -8.28 9.52 -1.90
CA PRO E 53 -7.76 8.94 -0.66
C PRO E 53 -6.43 8.21 -0.84
N GLY E 54 -6.20 7.61 -2.00
CA GLY E 54 -4.96 6.87 -2.20
C GLY E 54 -3.73 7.77 -2.17
N ILE E 55 -3.77 8.85 -2.93
CA ILE E 55 -2.63 9.75 -3.02
C ILE E 55 -2.73 10.89 -2.03
N GLY E 56 -3.85 11.60 -2.02
CA GLY E 56 -4.02 12.77 -1.18
C GLY E 56 -4.25 14.06 -1.95
N ASP E 57 -4.26 14.03 -3.28
CA ASP E 57 -4.54 15.22 -4.05
C ASP E 57 -5.96 15.71 -3.79
N THR E 58 -6.08 17.00 -3.49
CA THR E 58 -7.37 17.60 -3.21
C THR E 58 -7.69 18.63 -4.29
N SER E 59 -8.98 18.83 -4.52
CA SER E 59 -9.41 19.90 -5.40
C SER E 59 -10.64 20.56 -4.79
N TYR E 60 -10.70 21.88 -4.87
CA TYR E 60 -11.76 22.66 -4.24
C TYR E 60 -12.42 23.59 -5.25
N ASN E 61 -13.70 23.86 -5.03
CA ASN E 61 -14.39 24.87 -5.81
C ASN E 61 -13.84 26.25 -5.47
N GLN E 62 -14.04 27.20 -6.37
CA GLN E 62 -13.62 28.57 -6.11
C GLN E 62 -14.37 29.15 -4.92
N LYS E 63 -15.68 28.88 -4.82
CA LYS E 63 -16.50 29.49 -3.78
C LYS E 63 -16.13 29.02 -2.39
N PHE E 64 -15.67 27.78 -2.26
CA PHE E 64 -15.40 27.20 -0.95
C PHE E 64 -13.90 27.06 -0.66
N LYS E 65 -13.07 27.82 -1.38
CA LYS E 65 -11.64 27.79 -1.12
C LYS E 65 -11.34 28.43 0.23
N GLY E 66 -10.73 27.65 1.13
CA GLY E 66 -10.43 28.12 2.47
C GLY E 66 -11.57 28.02 3.47
N LYS E 67 -12.81 27.86 3.00
CA LYS E 67 -13.96 27.73 3.88
C LYS E 67 -14.22 26.31 4.32
N ALA E 68 -13.61 25.33 3.67
CA ALA E 68 -13.76 23.92 4.05
C ALA E 68 -12.52 23.16 3.60
N THR E 69 -12.10 22.19 4.42
CA THR E 69 -10.95 21.38 4.09
C THR E 69 -11.31 19.91 4.17
N LEU E 70 -10.81 19.14 3.20
CA LEU E 70 -11.07 17.71 3.08
C LEU E 70 -9.81 16.93 3.40
N THR E 71 -9.97 15.83 4.14
CA THR E 71 -8.89 14.92 4.46
C THR E 71 -9.42 13.49 4.40
N ALA E 72 -8.50 12.54 4.47
CA ALA E 72 -8.84 11.12 4.50
C ALA E 72 -7.60 10.34 4.90
N ASP E 73 -7.76 9.03 5.02
CA ASP E 73 -6.65 8.14 5.33
C ASP E 73 -7.04 6.73 4.94
N LYS E 74 -6.03 5.93 4.58
CA LYS E 74 -6.26 4.56 4.14
C LYS E 74 -6.85 3.71 5.25
N SER E 75 -6.17 3.66 6.40
CA SER E 75 -6.64 2.85 7.52
C SER E 75 -7.93 3.40 8.11
N SER E 76 -8.19 4.70 7.93
CA SER E 76 -9.40 5.30 8.48
C SER E 76 -10.64 4.77 7.76
N SER E 77 -10.55 4.56 6.44
CA SER E 77 -11.67 4.13 5.62
C SER E 77 -12.82 5.13 5.66
N THR E 78 -12.51 6.40 5.91
CA THR E 78 -13.54 7.43 5.97
C THR E 78 -12.96 8.78 5.56
N ALA E 79 -13.70 9.50 4.73
CA ALA E 79 -13.33 10.86 4.37
C ALA E 79 -13.87 11.83 5.42
N TYR E 80 -13.16 12.92 5.62
CA TYR E 80 -13.47 13.91 6.63
C TYR E 80 -13.50 15.29 5.99
N MET E 81 -14.45 16.11 6.41
CA MET E 81 -14.48 17.50 5.98
C MET E 81 -14.70 18.39 7.20
N GLN E 82 -13.84 19.38 7.38
CA GLN E 82 -14.04 20.35 8.45
C GLN E 82 -14.35 21.71 7.84
N LEU E 83 -15.31 22.41 8.45
CA LEU E 83 -15.86 23.64 7.89
C LEU E 83 -15.26 24.83 8.60
N SER E 84 -14.37 25.54 7.91
CA SER E 84 -13.76 26.75 8.45
C SER E 84 -14.71 27.94 8.28
N SER E 85 -14.74 28.81 9.28
CA SER E 85 -15.49 30.05 9.24
C SER E 85 -16.98 29.79 9.00
N LEU E 86 -17.61 29.14 9.97
CA LEU E 86 -19.04 28.87 9.89
C LEU E 86 -19.84 30.15 10.12
N THR E 87 -20.90 30.31 9.33
CA THR E 87 -21.89 31.37 9.53
C THR E 87 -23.27 30.75 9.41
N SER E 88 -24.30 31.55 9.70
CA SER E 88 -25.66 31.05 9.63
C SER E 88 -26.09 30.71 8.21
N GLU E 89 -25.36 31.19 7.21
CA GLU E 89 -25.73 30.90 5.82
C GLU E 89 -25.40 29.46 5.45
N ASP E 90 -24.34 28.89 6.02
CA ASP E 90 -23.86 27.57 5.61
C ASP E 90 -24.70 26.43 6.17
N SER E 91 -25.89 26.70 6.67
CA SER E 91 -26.79 25.62 7.11
C SER E 91 -27.39 24.95 5.89
N ALA E 92 -27.03 23.70 5.66
CA ALA E 92 -27.42 22.98 4.44
C ALA E 92 -27.22 21.49 4.70
N VAL E 93 -27.63 20.68 3.73
CA VAL E 93 -27.46 19.23 3.82
C VAL E 93 -26.29 18.83 2.95
N TYR E 94 -25.30 18.17 3.54
CA TYR E 94 -24.05 17.87 2.88
C TYR E 94 -24.01 16.39 2.54
N TYR E 95 -23.84 16.08 1.26
CA TYR E 95 -23.73 14.72 0.78
C TYR E 95 -22.28 14.39 0.47
N CYS E 96 -21.93 13.12 0.71
CA CYS E 96 -20.65 12.54 0.34
C CYS E 96 -20.89 11.52 -0.77
N THR E 97 -20.14 11.64 -1.86
CA THR E 97 -20.36 10.84 -3.05
C THR E 97 -19.05 10.19 -3.47
N ARG E 98 -19.17 9.15 -4.30
CA ARG E 98 -18.02 8.47 -4.86
C ARG E 98 -17.97 8.70 -6.36
N ASP E 99 -16.76 8.86 -6.90
CA ASP E 99 -16.62 9.05 -8.33
C ASP E 99 -16.88 7.75 -9.09
N GLY E 100 -16.01 6.76 -8.91
CA GLY E 100 -16.18 5.48 -9.57
C GLY E 100 -15.76 5.42 -11.01
N TYR E 101 -14.85 6.30 -11.45
CA TYR E 101 -14.55 6.50 -12.87
C TYR E 101 -14.38 5.23 -13.69
N PRO E 102 -13.62 4.21 -13.27
CA PRO E 102 -13.37 3.07 -14.18
C PRO E 102 -14.64 2.42 -14.72
N ASP E 103 -15.56 2.01 -13.85
CA ASP E 103 -16.75 1.31 -14.32
C ASP E 103 -17.91 2.24 -14.63
N TYR E 104 -18.05 3.35 -13.90
CA TYR E 104 -19.17 4.26 -14.10
C TYR E 104 -18.68 5.69 -13.89
N TYR E 105 -19.12 6.61 -14.74
CA TYR E 105 -18.43 7.89 -14.83
C TYR E 105 -18.75 8.83 -13.67
N ALA E 106 -20.00 9.26 -13.55
CA ALA E 106 -20.31 10.35 -12.63
C ALA E 106 -20.47 9.82 -11.21
N LEU E 107 -20.96 10.68 -10.31
CA LEU E 107 -21.21 10.29 -8.93
C LEU E 107 -22.33 9.27 -8.89
N ASP E 108 -21.98 8.00 -8.66
CA ASP E 108 -22.92 6.90 -8.77
C ASP E 108 -23.54 6.49 -7.45
N TYR E 109 -22.78 6.55 -6.36
CA TYR E 109 -23.26 6.14 -5.05
C TYR E 109 -23.12 7.31 -4.09
N TRP E 110 -24.20 7.62 -3.38
CA TRP E 110 -24.28 8.79 -2.52
C TRP E 110 -24.48 8.36 -1.07
N GLY E 111 -23.91 9.13 -0.14
CA GLY E 111 -24.22 8.98 1.25
C GLY E 111 -25.63 9.44 1.55
N GLN E 112 -26.00 9.39 2.82
CA GLN E 112 -27.34 9.80 3.20
C GLN E 112 -27.44 11.30 3.48
N GLY E 113 -26.32 11.97 3.65
CA GLY E 113 -26.34 13.41 3.82
C GLY E 113 -26.58 13.84 5.25
N THR E 114 -25.75 14.76 5.75
CA THR E 114 -25.88 15.28 7.11
C THR E 114 -26.37 16.72 7.04
N SER E 115 -27.42 17.03 7.79
CA SER E 115 -28.00 18.37 7.78
C SER E 115 -27.38 19.19 8.89
N VAL E 116 -26.60 20.21 8.52
CA VAL E 116 -25.91 21.07 9.47
C VAL E 116 -26.65 22.40 9.52
N THR E 117 -27.08 22.79 10.71
CA THR E 117 -27.79 24.05 10.93
C THR E 117 -27.02 24.90 11.91
N VAL E 118 -26.47 26.01 11.43
CA VAL E 118 -25.67 26.90 12.25
C VAL E 118 -26.61 27.85 12.98
N SER E 119 -26.70 27.70 14.30
CA SER E 119 -27.57 28.52 15.13
C SER E 119 -27.21 28.37 16.60
#